data_1HV8
#
_entry.id   1HV8
#
_cell.length_a   109.132
_cell.length_b   131.450
_cell.length_c   131.829
_cell.angle_alpha   90.00
_cell.angle_beta   90.00
_cell.angle_gamma   90.00
#
_symmetry.space_group_name_H-M   'C 2 2 21'
#
loop_
_entity.id
_entity.type
_entity.pdbx_description
1 polymer 'PUTATIVE ATP-DEPENDENT RNA HELICASE MJ0669'
2 non-polymer 'SULFATE ION'
#
_entity_poly.entity_id   1
_entity_poly.type   'polypeptide(L)'
_entity_poly.pdbx_seq_one_letter_code
;(MSE)EVEY(MSE)NFNELNLSDNILNAIRNKGFEKPTDIQ(MSE)KVIPLFLNDEYNIVAQARTGSGKTASFAIPLIEL
VNENNGIEAIILTPTRELAIQVADEIESLKGNKNLKIAKIYGGKAIYPQIKALKNANIVVGTPGRILDHINRGTLNLKNV
KYFILDEADE(MSE)LN(MSE)GFIKDVEKILNACNKDKRILLFSAT(MSE)PREILNLAKKY(MSE)GDYSFIKAKINA
NIEQSYVEVNENERFEALCRLLKNKEFYGLVFCKTKRDTKELAS(MSE)LRDIGFKAGAIHGDLSQSQREKVIRLFKQKK
IRILIATDV(MSE)SRGIDVNDLNCVINYHLPQNPESY(MSE)HRIGRTGRAGKKGKAISIINRREYKKLRYIERA
(MSE)KLKIKKLKFG
;
_entity_poly.pdbx_strand_id   A,B
#
loop_
_chem_comp.id
_chem_comp.type
_chem_comp.name
_chem_comp.formula
SO4 non-polymer 'SULFATE ION' 'O4 S -2'
#
# COMPACT_ATOMS: atom_id res chain seq x y z
N VAL A 3 -15.65 8.75 -0.31
CA VAL A 3 -15.21 8.38 -1.68
C VAL A 3 -15.85 7.04 -2.09
N GLU A 4 -17.09 7.10 -2.61
CA GLU A 4 -17.81 5.89 -3.04
C GLU A 4 -18.56 6.07 -4.35
N TYR A 5 -17.88 5.88 -5.47
CA TYR A 5 -18.47 6.02 -6.80
C TYR A 5 -19.33 4.80 -7.19
N MSE A 6 -20.21 4.97 -8.18
CA MSE A 6 -21.09 3.87 -8.60
C MSE A 6 -21.49 3.86 -10.08
O MSE A 6 -22.48 3.22 -10.43
CB MSE A 6 -22.35 3.85 -7.75
CG MSE A 6 -22.11 3.62 -6.26
SE MSE A 6 -23.64 4.14 -5.14
CE MSE A 6 -23.06 5.93 -4.59
N ASN A 7 -20.75 4.57 -10.93
CA ASN A 7 -21.03 4.62 -12.37
C ASN A 7 -19.80 5.05 -13.14
N PHE A 8 -19.52 4.37 -14.25
CA PHE A 8 -18.34 4.70 -15.05
C PHE A 8 -18.28 6.18 -15.46
N ASN A 9 -19.43 6.74 -15.82
CA ASN A 9 -19.48 8.14 -16.23
C ASN A 9 -18.90 9.04 -15.14
N GLU A 10 -19.13 8.69 -13.87
CA GLU A 10 -18.63 9.47 -12.75
C GLU A 10 -17.11 9.50 -12.67
N LEU A 11 -16.45 8.84 -13.62
CA LEU A 11 -15.00 8.79 -13.65
C LEU A 11 -14.38 9.74 -14.66
N ASN A 12 -13.09 10.02 -14.46
CA ASN A 12 -12.32 10.90 -15.35
C ASN A 12 -12.03 10.15 -16.65
N LEU A 13 -13.00 9.36 -17.11
CA LEU A 13 -12.87 8.56 -18.34
C LEU A 13 -13.28 9.36 -19.56
N SER A 14 -12.59 9.12 -20.68
CA SER A 14 -12.90 9.83 -21.93
C SER A 14 -14.29 9.45 -22.42
N ASP A 15 -14.66 10.00 -23.56
CA ASP A 15 -15.97 9.74 -24.15
C ASP A 15 -15.82 8.54 -25.06
N ASN A 16 -14.73 8.55 -25.83
CA ASN A 16 -14.43 7.46 -26.75
C ASN A 16 -14.51 6.10 -26.07
N ILE A 17 -13.99 6.02 -24.84
CA ILE A 17 -14.00 4.77 -24.09
C ILE A 17 -15.30 4.54 -23.33
N LEU A 18 -15.82 5.59 -22.69
CA LEU A 18 -17.05 5.48 -21.90
C LEU A 18 -18.22 5.04 -22.79
N ASN A 19 -17.93 4.85 -24.07
CA ASN A 19 -18.93 4.42 -25.02
C ASN A 19 -18.76 2.91 -25.18
N ALA A 20 -17.54 2.48 -25.51
CA ALA A 20 -17.22 1.08 -25.70
C ALA A 20 -17.42 0.23 -24.45
N ILE A 21 -17.36 0.85 -23.28
CA ILE A 21 -17.57 0.10 -22.04
C ILE A 21 -19.05 -0.11 -21.84
N ARG A 22 -19.85 0.90 -22.17
CA ARG A 22 -21.31 0.78 -22.06
C ARG A 22 -21.71 -0.19 -23.17
N ASN A 23 -20.90 -0.18 -24.23
CA ASN A 23 -21.07 -1.02 -25.40
C ASN A 23 -20.83 -2.51 -25.09
N LYS A 24 -19.57 -2.86 -24.82
CA LYS A 24 -19.17 -4.24 -24.54
C LYS A 24 -20.04 -4.95 -23.49
N GLY A 25 -20.77 -4.17 -22.70
CA GLY A 25 -21.62 -4.74 -21.67
C GLY A 25 -21.40 -4.14 -20.30
N PHE A 26 -20.21 -3.58 -20.08
CA PHE A 26 -19.88 -2.98 -18.79
C PHE A 26 -20.81 -1.81 -18.44
N GLU A 27 -21.95 -2.13 -17.85
CA GLU A 27 -22.93 -1.13 -17.46
C GLU A 27 -22.59 -0.54 -16.09
N LYS A 28 -22.60 -1.40 -15.09
CA LYS A 28 -22.28 -0.99 -13.73
C LYS A 28 -20.91 -1.57 -13.39
N PRO A 29 -20.15 -0.88 -12.53
CA PRO A 29 -18.82 -1.35 -12.14
C PRO A 29 -18.85 -2.49 -11.10
N THR A 30 -17.67 -2.98 -10.76
CA THR A 30 -17.54 -4.05 -9.77
C THR A 30 -16.76 -3.42 -8.62
N ASP A 31 -16.79 -4.03 -7.44
CA ASP A 31 -16.07 -3.43 -6.33
C ASP A 31 -14.66 -2.95 -6.76
N ILE A 32 -13.90 -3.86 -7.37
CA ILE A 32 -12.54 -3.56 -7.82
C ILE A 32 -12.40 -2.40 -8.80
N GLN A 33 -13.19 -2.44 -9.87
CA GLN A 33 -13.16 -1.39 -10.88
C GLN A 33 -13.42 -0.01 -10.23
N MSE A 34 -14.25 0.01 -9.18
CA MSE A 34 -14.57 1.26 -8.48
C MSE A 34 -13.55 1.65 -7.43
O MSE A 34 -13.57 2.77 -6.90
CB MSE A 34 -15.97 1.22 -7.84
CG MSE A 34 -17.11 1.38 -8.83
SE MSE A 34 -16.72 2.70 -10.25
CE MSE A 34 -18.05 4.03 -9.87
N LYS A 35 -12.64 0.73 -7.10
CA LYS A 35 -11.62 1.03 -6.14
C LYS A 35 -10.29 1.25 -6.86
N VAL A 36 -10.18 0.71 -8.06
CA VAL A 36 -8.94 0.86 -8.79
C VAL A 36 -8.93 1.92 -9.86
N ILE A 37 -9.82 1.81 -10.84
CA ILE A 37 -9.84 2.79 -11.92
C ILE A 37 -9.63 4.21 -11.42
N PRO A 38 -10.25 4.58 -10.30
CA PRO A 38 -10.06 5.96 -9.79
C PRO A 38 -8.60 6.20 -9.42
N LEU A 39 -8.03 5.32 -8.59
CA LEU A 39 -6.64 5.45 -8.15
C LEU A 39 -5.63 5.33 -9.28
N PHE A 40 -5.95 4.48 -10.26
CA PHE A 40 -5.06 4.28 -11.41
C PHE A 40 -5.08 5.55 -12.25
N LEU A 41 -6.28 6.11 -12.42
CA LEU A 41 -6.49 7.33 -13.18
C LEU A 41 -5.87 8.47 -12.41
N ASN A 42 -6.20 8.53 -11.11
CA ASN A 42 -5.66 9.54 -10.19
C ASN A 42 -4.14 9.55 -10.34
N ASP A 43 -3.60 8.40 -10.73
CA ASP A 43 -2.17 8.21 -10.93
C ASP A 43 -1.33 8.85 -9.82
N GLU A 44 -1.72 8.60 -8.57
CA GLU A 44 -1.01 9.13 -7.40
C GLU A 44 0.11 8.16 -6.93
N TYR A 45 -0.27 6.97 -6.46
CA TYR A 45 0.68 5.94 -5.98
C TYR A 45 0.67 4.64 -6.81
N ASN A 46 1.43 3.65 -6.34
CA ASN A 46 1.43 2.34 -6.98
C ASN A 46 0.26 1.59 -6.33
N ILE A 47 -0.20 0.51 -6.97
CA ILE A 47 -1.34 -0.23 -6.46
C ILE A 47 -1.13 -1.73 -6.32
N VAL A 48 -1.42 -2.27 -5.16
CA VAL A 48 -1.27 -3.71 -4.96
C VAL A 48 -2.69 -4.16 -4.70
N ALA A 49 -3.32 -4.76 -5.70
CA ALA A 49 -4.71 -5.20 -5.58
C ALA A 49 -4.93 -6.69 -5.45
N GLN A 50 -5.70 -7.07 -4.44
CA GLN A 50 -6.02 -8.48 -4.22
C GLN A 50 -7.43 -8.75 -4.72
N ALA A 51 -7.52 -9.43 -5.87
CA ALA A 51 -8.82 -9.74 -6.49
C ALA A 51 -8.89 -11.13 -7.15
N ARG A 52 -9.91 -11.92 -6.75
CA ARG A 52 -10.10 -13.25 -7.31
C ARG A 52 -10.37 -13.09 -8.80
N THR A 53 -9.89 -14.03 -9.61
CA THR A 53 -10.14 -13.94 -11.03
C THR A 53 -11.65 -14.07 -11.24
N GLY A 54 -12.26 -13.04 -11.80
CA GLY A 54 -13.70 -13.07 -12.04
C GLY A 54 -14.42 -11.97 -11.29
N SER A 55 -13.82 -10.80 -11.26
CA SER A 55 -14.39 -9.68 -10.54
C SER A 55 -14.21 -8.37 -11.31
N GLY A 56 -13.73 -8.50 -12.54
CA GLY A 56 -13.54 -7.33 -13.38
C GLY A 56 -12.12 -6.81 -13.40
N LYS A 57 -11.19 -7.59 -12.84
CA LYS A 57 -9.79 -7.19 -12.80
C LYS A 57 -9.32 -6.56 -14.09
N THR A 58 -9.36 -7.36 -15.15
CA THR A 58 -8.90 -6.94 -16.46
C THR A 58 -9.45 -5.60 -16.92
N ALA A 59 -10.62 -5.23 -16.43
CA ALA A 59 -11.19 -3.95 -16.82
C ALA A 59 -10.50 -2.88 -15.99
N SER A 60 -10.37 -3.16 -14.69
CA SER A 60 -9.73 -2.26 -13.73
C SER A 60 -8.52 -1.56 -14.31
N PHE A 61 -7.58 -2.34 -14.85
CA PHE A 61 -6.39 -1.74 -15.42
C PHE A 61 -6.44 -1.43 -16.91
N ALA A 62 -7.17 -2.24 -17.68
CA ALA A 62 -7.28 -2.02 -19.12
C ALA A 62 -8.01 -0.73 -19.47
N ILE A 63 -9.02 -0.35 -18.68
CA ILE A 63 -9.74 0.89 -18.93
C ILE A 63 -8.82 2.08 -18.72
N PRO A 64 -8.37 2.33 -17.47
CA PRO A 64 -7.48 3.47 -17.24
C PRO A 64 -6.26 3.41 -18.15
N LEU A 65 -5.86 2.20 -18.53
CA LEU A 65 -4.69 2.04 -19.40
C LEU A 65 -4.93 2.67 -20.77
N ILE A 66 -6.04 2.28 -21.41
CA ILE A 66 -6.40 2.82 -22.72
C ILE A 66 -6.55 4.33 -22.62
N GLU A 67 -6.92 4.79 -21.43
CA GLU A 67 -7.14 6.19 -21.14
C GLU A 67 -5.85 7.01 -21.07
N LEU A 68 -4.83 6.48 -20.40
CA LEU A 68 -3.56 7.19 -20.19
C LEU A 68 -2.42 6.90 -21.17
N VAL A 69 -2.49 5.79 -21.89
CA VAL A 69 -1.41 5.45 -22.83
C VAL A 69 -1.55 6.18 -24.16
N ASN A 70 -0.51 6.94 -24.52
CA ASN A 70 -0.53 7.67 -25.79
C ASN A 70 -0.39 6.73 -26.97
N GLU A 71 -1.24 6.93 -27.96
CA GLU A 71 -1.23 6.10 -29.17
C GLU A 71 -0.16 6.59 -30.15
N ASN A 72 0.51 7.68 -29.78
CA ASN A 72 1.57 8.28 -30.60
C ASN A 72 3.00 7.93 -30.22
N ASN A 73 3.24 7.64 -28.94
CA ASN A 73 4.60 7.29 -28.50
C ASN A 73 4.97 5.88 -28.99
N GLY A 74 5.78 5.19 -28.20
CA GLY A 74 6.19 3.84 -28.53
C GLY A 74 5.50 2.88 -27.58
N ILE A 75 6.29 2.14 -26.81
CA ILE A 75 5.74 1.19 -25.86
C ILE A 75 5.62 1.87 -24.51
N GLU A 76 4.39 2.21 -24.13
CA GLU A 76 4.13 2.88 -22.86
C GLU A 76 3.75 1.95 -21.74
N ALA A 77 3.51 0.68 -22.05
CA ALA A 77 3.10 -0.24 -21.01
C ALA A 77 3.40 -1.70 -21.30
N ILE A 78 3.68 -2.44 -20.24
CA ILE A 78 3.95 -3.88 -20.31
C ILE A 78 2.95 -4.53 -19.36
N ILE A 79 2.40 -5.66 -19.77
CA ILE A 79 1.44 -6.37 -18.95
C ILE A 79 1.83 -7.83 -18.92
N LEU A 80 2.41 -8.24 -17.79
CA LEU A 80 2.87 -9.60 -17.59
C LEU A 80 1.72 -10.50 -17.14
N THR A 81 1.73 -11.74 -17.61
CA THR A 81 0.70 -12.71 -17.24
C THR A 81 1.36 -14.08 -17.15
N PRO A 82 0.76 -15.00 -16.40
CA PRO A 82 1.30 -16.35 -16.23
C PRO A 82 1.28 -17.17 -17.51
N THR A 83 0.16 -17.05 -18.22
CA THR A 83 -0.06 -17.82 -19.43
C THR A 83 -0.26 -17.00 -20.70
N ARG A 84 -0.32 -17.72 -21.81
CA ARG A 84 -0.54 -17.07 -23.10
C ARG A 84 -2.05 -16.92 -23.19
N GLU A 85 -2.77 -17.93 -22.74
CA GLU A 85 -4.23 -17.88 -22.77
C GLU A 85 -4.73 -16.58 -22.14
N LEU A 86 -4.14 -16.24 -21.00
CA LEU A 86 -4.51 -15.03 -20.28
C LEU A 86 -3.98 -13.79 -21.00
N ALA A 87 -2.82 -13.92 -21.64
CA ALA A 87 -2.22 -12.81 -22.38
C ALA A 87 -3.16 -12.35 -23.49
N ILE A 88 -3.67 -13.33 -24.24
CA ILE A 88 -4.57 -13.06 -25.34
C ILE A 88 -5.88 -12.49 -24.78
N GLN A 89 -6.40 -13.09 -23.72
CA GLN A 89 -7.63 -12.60 -23.10
C GLN A 89 -7.48 -11.11 -22.79
N VAL A 90 -6.37 -10.79 -22.13
CA VAL A 90 -6.06 -9.43 -21.74
C VAL A 90 -5.97 -8.54 -22.97
N ALA A 91 -5.21 -8.98 -23.97
CA ALA A 91 -5.05 -8.22 -25.19
C ALA A 91 -6.43 -7.89 -25.80
N ASP A 92 -7.22 -8.92 -26.05
CA ASP A 92 -8.55 -8.76 -26.65
C ASP A 92 -9.44 -7.83 -25.87
N GLU A 93 -9.54 -8.03 -24.56
CA GLU A 93 -10.41 -7.16 -23.79
C GLU A 93 -9.98 -5.70 -23.91
N ILE A 94 -8.72 -5.47 -24.25
CA ILE A 94 -8.26 -4.09 -24.41
C ILE A 94 -8.71 -3.64 -25.80
N GLU A 95 -8.68 -4.56 -26.75
CA GLU A 95 -9.10 -4.26 -28.11
C GLU A 95 -10.53 -3.76 -28.05
N SER A 96 -11.40 -4.60 -27.51
CA SER A 96 -12.82 -4.30 -27.40
C SER A 96 -13.16 -3.06 -26.57
N LEU A 97 -12.18 -2.26 -26.22
CA LEU A 97 -12.48 -1.08 -25.42
C LEU A 97 -11.82 0.21 -25.92
N LYS A 98 -10.78 0.08 -26.73
CA LYS A 98 -10.08 1.26 -27.21
C LYS A 98 -10.95 2.17 -28.07
N GLY A 99 -11.83 1.57 -28.86
CA GLY A 99 -12.71 2.35 -29.71
C GLY A 99 -11.98 3.14 -30.78
N ASN A 100 -12.27 4.44 -30.84
CA ASN A 100 -11.65 5.32 -31.81
C ASN A 100 -10.27 5.82 -31.38
N LYS A 101 -9.57 4.99 -30.61
CA LYS A 101 -8.22 5.28 -30.14
C LYS A 101 -7.34 4.18 -30.72
N ASN A 102 -6.40 4.58 -31.57
CA ASN A 102 -5.53 3.62 -32.24
C ASN A 102 -4.29 3.21 -31.47
N LEU A 103 -4.49 2.27 -30.56
CA LEU A 103 -3.41 1.74 -29.74
C LEU A 103 -3.06 0.38 -30.32
N LYS A 104 -1.78 0.14 -30.55
CA LYS A 104 -1.34 -1.13 -31.10
C LYS A 104 -0.88 -1.99 -29.92
N ILE A 105 -1.39 -3.22 -29.82
CA ILE A 105 -1.04 -4.11 -28.73
C ILE A 105 -0.29 -5.38 -29.16
N ALA A 106 1.01 -5.44 -28.87
CA ALA A 106 1.83 -6.58 -29.23
C ALA A 106 1.76 -7.68 -28.17
N LYS A 107 1.40 -8.90 -28.57
CA LYS A 107 1.33 -10.02 -27.63
C LYS A 107 2.60 -10.84 -27.76
N ILE A 108 3.37 -10.94 -26.68
CA ILE A 108 4.63 -11.68 -26.71
C ILE A 108 4.60 -12.96 -25.88
N TYR A 109 5.09 -14.05 -26.45
CA TYR A 109 5.17 -15.32 -25.73
C TYR A 109 5.80 -16.41 -26.56
N GLY A 110 6.18 -17.51 -25.89
CA GLY A 110 6.83 -18.61 -26.58
C GLY A 110 6.05 -19.33 -27.67
N GLY A 111 6.77 -20.11 -28.48
CA GLY A 111 6.13 -20.85 -29.54
C GLY A 111 6.22 -20.11 -30.86
N LYS A 112 6.11 -18.78 -30.80
CA LYS A 112 6.19 -17.95 -31.99
C LYS A 112 7.63 -17.65 -32.41
N ALA A 113 7.80 -17.29 -33.68
CA ALA A 113 9.12 -16.97 -34.20
C ALA A 113 9.39 -15.54 -33.76
N ILE A 114 10.63 -15.31 -33.34
CA ILE A 114 11.06 -14.00 -32.85
C ILE A 114 10.92 -12.85 -33.85
N TYR A 115 11.32 -13.09 -35.09
CA TYR A 115 11.25 -12.04 -36.11
C TYR A 115 9.91 -11.32 -36.19
N PRO A 116 8.80 -12.07 -36.39
CA PRO A 116 7.49 -11.44 -36.47
C PRO A 116 7.21 -10.56 -35.26
N GLN A 117 7.63 -11.04 -34.08
CA GLN A 117 7.43 -10.32 -32.82
C GLN A 117 8.10 -8.95 -32.81
N ILE A 118 9.31 -8.88 -33.40
CA ILE A 118 10.06 -7.62 -33.46
C ILE A 118 9.31 -6.59 -34.28
N LYS A 119 8.75 -7.03 -35.40
CA LYS A 119 7.98 -6.17 -36.30
C LYS A 119 6.72 -5.75 -35.56
N ALA A 120 6.17 -6.67 -34.77
CA ALA A 120 4.96 -6.44 -34.01
C ALA A 120 5.17 -5.36 -32.94
N LEU A 121 6.35 -5.33 -32.34
CA LEU A 121 6.65 -4.34 -31.30
C LEU A 121 6.98 -3.01 -31.93
N LYS A 122 7.47 -3.06 -33.16
CA LYS A 122 7.86 -1.88 -33.92
C LYS A 122 7.02 -0.67 -33.50
N ASN A 123 5.73 -0.71 -33.82
CA ASN A 123 4.85 0.40 -33.50
C ASN A 123 3.90 0.05 -32.37
N ALA A 124 4.22 -1.03 -31.64
CA ALA A 124 3.42 -1.47 -30.51
C ALA A 124 3.31 -0.30 -29.54
N ASN A 125 2.21 -0.27 -28.79
CA ASN A 125 1.97 0.78 -27.81
C ASN A 125 1.90 0.14 -26.42
N ILE A 126 1.38 -1.09 -26.38
CA ILE A 126 1.22 -1.86 -25.17
C ILE A 126 1.62 -3.30 -25.43
N VAL A 127 2.54 -3.82 -24.64
CA VAL A 127 2.97 -5.20 -24.80
C VAL A 127 2.27 -6.04 -23.74
N VAL A 128 1.83 -7.23 -24.11
CA VAL A 128 1.15 -8.11 -23.18
C VAL A 128 1.60 -9.53 -23.45
N GLY A 129 2.47 -10.04 -22.60
CA GLY A 129 2.95 -11.40 -22.79
C GLY A 129 3.37 -12.04 -21.49
N THR A 130 4.00 -13.22 -21.59
CA THR A 130 4.50 -13.98 -20.45
C THR A 130 5.85 -13.41 -20.01
N PRO A 131 6.24 -13.62 -18.74
CA PRO A 131 7.51 -13.11 -18.22
C PRO A 131 8.78 -13.69 -18.86
N GLY A 132 8.76 -15.00 -19.13
CA GLY A 132 9.92 -15.66 -19.71
C GLY A 132 10.41 -15.06 -21.03
N ARG A 133 9.47 -14.80 -21.94
CA ARG A 133 9.82 -14.25 -23.23
C ARG A 133 10.07 -12.75 -23.21
N ILE A 134 9.19 -12.02 -22.53
CA ILE A 134 9.33 -10.57 -22.44
C ILE A 134 10.71 -10.19 -21.88
N LEU A 135 11.36 -11.13 -21.21
CA LEU A 135 12.69 -10.90 -20.65
C LEU A 135 13.70 -10.99 -21.79
N ASP A 136 13.95 -12.21 -22.25
CA ASP A 136 14.88 -12.47 -23.35
C ASP A 136 14.72 -11.39 -24.40
N HIS A 137 13.46 -11.21 -24.79
CA HIS A 137 13.08 -10.22 -25.77
C HIS A 137 13.60 -8.81 -25.49
N ILE A 138 13.66 -8.40 -24.22
CA ILE A 138 14.17 -7.07 -23.89
C ILE A 138 15.69 -7.07 -23.86
N ASN A 139 16.25 -8.27 -23.68
CA ASN A 139 17.69 -8.45 -23.67
C ASN A 139 18.15 -8.14 -25.09
N ARG A 140 17.51 -8.81 -26.05
CA ARG A 140 17.80 -8.66 -27.46
C ARG A 140 17.59 -7.23 -27.97
N GLY A 141 17.47 -6.27 -27.05
CA GLY A 141 17.27 -4.88 -27.44
C GLY A 141 16.08 -4.73 -28.38
N THR A 142 15.41 -5.84 -28.66
CA THR A 142 14.24 -5.87 -29.54
C THR A 142 13.12 -5.04 -28.94
N LEU A 143 13.05 -5.04 -27.61
CA LEU A 143 12.02 -4.29 -26.89
C LEU A 143 12.69 -3.06 -26.31
N ASN A 144 11.89 -2.01 -26.12
CA ASN A 144 12.41 -0.77 -25.59
C ASN A 144 11.71 -0.33 -24.31
N LEU A 145 12.30 -0.68 -23.17
CA LEU A 145 11.69 -0.31 -21.91
C LEU A 145 11.85 1.18 -21.66
N LYS A 146 12.51 1.86 -22.60
CA LYS A 146 12.76 3.28 -22.51
C LYS A 146 11.52 4.15 -22.28
N ASN A 147 10.44 3.86 -23.00
CA ASN A 147 9.24 4.65 -22.86
C ASN A 147 8.17 4.06 -21.96
N VAL A 148 8.42 2.86 -21.45
CA VAL A 148 7.46 2.17 -20.56
C VAL A 148 7.14 2.99 -19.32
N LYS A 149 5.91 3.51 -19.25
CA LYS A 149 5.47 4.31 -18.11
C LYS A 149 4.58 3.52 -17.15
N TYR A 150 3.98 2.42 -17.61
CA TYR A 150 3.11 1.62 -16.75
C TYR A 150 3.43 0.14 -16.74
N PHE A 151 3.56 -0.40 -15.53
CA PHE A 151 3.86 -1.81 -15.38
C PHE A 151 2.67 -2.49 -14.72
N ILE A 152 2.37 -3.72 -15.15
CA ILE A 152 1.24 -4.42 -14.57
C ILE A 152 1.48 -5.92 -14.49
N LEU A 153 1.56 -6.42 -13.27
CA LEU A 153 1.78 -7.85 -13.08
C LEU A 153 0.42 -8.46 -12.78
N ASP A 154 -0.16 -9.11 -13.78
CA ASP A 154 -1.47 -9.72 -13.61
C ASP A 154 -1.38 -11.19 -13.21
N GLU A 155 -1.80 -11.45 -11.98
CA GLU A 155 -1.80 -12.78 -11.38
C GLU A 155 -0.38 -13.16 -11.00
N ALA A 156 0.22 -12.32 -10.15
CA ALA A 156 1.60 -12.47 -9.67
C ALA A 156 1.79 -13.71 -8.79
N ASP A 157 0.71 -14.14 -8.16
CA ASP A 157 0.79 -15.32 -7.32
C ASP A 157 0.83 -16.56 -8.23
N GLU A 158 0.24 -16.45 -9.42
CA GLU A 158 0.27 -17.55 -10.38
C GLU A 158 1.67 -17.60 -10.97
N MSE A 159 2.19 -16.41 -11.29
CA MSE A 159 3.54 -16.24 -11.84
C MSE A 159 4.54 -16.89 -10.89
O MSE A 159 5.39 -17.66 -11.30
CB MSE A 159 3.86 -14.76 -11.95
CG MSE A 159 4.23 -14.30 -13.33
SE MSE A 159 3.25 -12.67 -13.68
CE MSE A 159 4.43 -11.40 -12.87
N LEU A 160 4.44 -16.52 -9.61
CA LEU A 160 5.31 -17.03 -8.55
C LEU A 160 5.35 -18.55 -8.47
N ASN A 161 4.20 -19.21 -8.61
CA ASN A 161 4.14 -20.67 -8.53
C ASN A 161 4.49 -21.35 -9.86
N MSE A 162 5.12 -20.61 -10.76
CA MSE A 162 5.53 -21.13 -12.05
C MSE A 162 7.00 -20.76 -12.28
O MSE A 162 7.51 -20.84 -13.39
CB MSE A 162 4.64 -20.56 -13.17
CG MSE A 162 3.17 -20.97 -13.09
SE MSE A 162 2.05 -20.30 -14.59
CE MSE A 162 0.32 -20.57 -13.82
N GLY A 163 7.67 -20.35 -11.21
CA GLY A 163 9.07 -19.98 -11.25
C GLY A 163 9.38 -18.61 -11.81
N PHE A 164 8.40 -18.00 -12.46
CA PHE A 164 8.59 -16.69 -13.06
C PHE A 164 9.11 -15.57 -12.15
N ILE A 165 9.12 -15.77 -10.84
CA ILE A 165 9.57 -14.73 -9.92
C ILE A 165 10.88 -14.06 -10.31
N LYS A 166 11.90 -14.86 -10.54
CA LYS A 166 13.20 -14.29 -10.90
C LYS A 166 13.09 -13.44 -12.14
N ASP A 167 12.40 -13.96 -13.16
CA ASP A 167 12.21 -13.24 -14.42
C ASP A 167 11.50 -11.91 -14.26
N VAL A 168 10.41 -11.90 -13.49
CA VAL A 168 9.63 -10.70 -13.25
C VAL A 168 10.53 -9.65 -12.60
N GLU A 169 11.34 -10.08 -11.64
CA GLU A 169 12.23 -9.17 -10.96
C GLU A 169 13.21 -8.54 -11.96
N LYS A 170 13.75 -9.36 -12.86
CA LYS A 170 14.68 -8.90 -13.87
C LYS A 170 14.00 -7.86 -14.76
N ILE A 171 12.80 -8.19 -15.21
CA ILE A 171 12.05 -7.28 -16.07
C ILE A 171 11.75 -5.96 -15.35
N LEU A 172 11.60 -6.01 -14.03
CA LEU A 172 11.32 -4.80 -13.25
C LEU A 172 12.58 -3.95 -13.17
N ASN A 173 13.70 -4.61 -12.90
CA ASN A 173 14.98 -3.92 -12.81
C ASN A 173 15.24 -3.16 -14.09
N ALA A 174 15.44 -3.91 -15.16
CA ALA A 174 15.71 -3.33 -16.47
C ALA A 174 14.61 -2.40 -16.96
N CYS A 175 14.14 -1.51 -16.07
CA CYS A 175 13.07 -0.59 -16.39
C CYS A 175 13.36 0.74 -15.72
N ASN A 176 12.75 1.80 -16.22
CA ASN A 176 12.96 3.10 -15.60
C ASN A 176 12.44 2.96 -14.18
N LYS A 177 12.86 3.88 -13.32
CA LYS A 177 12.39 3.89 -11.94
C LYS A 177 11.37 5.01 -11.85
N ASP A 178 10.83 5.35 -13.02
CA ASP A 178 9.82 6.39 -13.14
C ASP A 178 8.57 5.74 -13.72
N LYS A 179 8.43 4.46 -13.45
CA LYS A 179 7.31 3.66 -13.91
C LYS A 179 6.22 3.59 -12.85
N ARG A 180 5.05 3.15 -13.25
CA ARG A 180 3.93 3.01 -12.33
C ARG A 180 3.58 1.54 -12.29
N ILE A 181 3.72 0.93 -11.13
CA ILE A 181 3.44 -0.49 -11.01
C ILE A 181 2.11 -0.79 -10.35
N LEU A 182 1.43 -1.80 -10.89
CA LEU A 182 0.15 -2.28 -10.39
C LEU A 182 0.30 -3.80 -10.36
N LEU A 183 0.17 -4.38 -9.18
CA LEU A 183 0.30 -5.84 -9.02
C LEU A 183 -1.04 -6.46 -8.63
N PHE A 184 -1.51 -7.47 -9.37
CA PHE A 184 -2.77 -8.12 -9.09
C PHE A 184 -2.49 -9.54 -8.65
N SER A 185 -3.11 -9.94 -7.54
CA SER A 185 -2.88 -11.28 -7.05
C SER A 185 -4.03 -11.75 -6.18
N ALA A 186 -4.54 -12.94 -6.46
CA ALA A 186 -5.65 -13.50 -5.70
C ALA A 186 -5.17 -13.76 -4.29
N THR A 187 -3.90 -14.12 -4.14
CA THR A 187 -3.36 -14.42 -2.81
C THR A 187 -2.06 -13.63 -2.53
N MSE A 188 -1.79 -13.33 -1.26
CA MSE A 188 -0.62 -12.56 -0.88
C MSE A 188 0.44 -13.35 -0.13
O MSE A 188 0.59 -13.22 1.07
CB MSE A 188 -1.04 -11.35 -0.05
CG MSE A 188 -1.75 -10.27 -0.83
SE MSE A 188 -0.68 -9.64 -2.34
CE MSE A 188 -2.08 -9.11 -3.54
N PRO A 189 1.19 -14.19 -0.85
CA PRO A 189 2.22 -14.96 -0.15
C PRO A 189 3.36 -14.04 0.29
N ARG A 190 4.28 -14.58 1.09
CA ARG A 190 5.42 -13.82 1.59
C ARG A 190 6.12 -13.10 0.47
N GLU A 191 6.43 -13.84 -0.58
CA GLU A 191 7.15 -13.31 -1.74
C GLU A 191 6.47 -12.16 -2.49
N ILE A 192 5.16 -12.21 -2.61
CA ILE A 192 4.49 -11.12 -3.29
C ILE A 192 4.61 -9.88 -2.42
N LEU A 193 4.36 -10.05 -1.12
CA LEU A 193 4.44 -8.94 -0.17
C LEU A 193 5.85 -8.37 -0.22
N ASN A 194 6.83 -9.27 -0.27
CA ASN A 194 8.22 -8.84 -0.32
C ASN A 194 8.48 -8.13 -1.66
N LEU A 195 7.84 -8.62 -2.71
CA LEU A 195 7.97 -8.05 -4.03
C LEU A 195 7.56 -6.59 -3.98
N ALA A 196 6.39 -6.34 -3.40
CA ALA A 196 5.87 -5.00 -3.26
C ALA A 196 6.89 -4.11 -2.57
N LYS A 197 7.47 -4.63 -1.49
CA LYS A 197 8.47 -3.90 -0.70
C LYS A 197 9.70 -3.55 -1.52
N LYS A 198 10.31 -4.56 -2.14
CA LYS A 198 11.49 -4.38 -2.98
C LYS A 198 11.32 -3.41 -4.16
N TYR A 199 10.36 -3.67 -5.03
CA TYR A 199 10.21 -2.82 -6.20
C TYR A 199 9.15 -1.72 -6.22
N MSE A 200 8.03 -1.90 -5.53
CA MSE A 200 7.00 -0.87 -5.52
C MSE A 200 7.10 -0.13 -4.20
O MSE A 200 6.84 -0.69 -3.14
CB MSE A 200 5.61 -1.48 -5.62
CG MSE A 200 5.42 -2.37 -6.81
SE MSE A 200 3.86 -3.47 -6.56
CE MSE A 200 4.78 -5.15 -6.53
N GLY A 201 7.47 1.12 -4.23
CA GLY A 201 7.56 1.83 -2.98
C GLY A 201 6.36 2.71 -2.87
N ASP A 202 5.90 2.95 -1.66
CA ASP A 202 4.76 3.83 -1.47
C ASP A 202 3.58 3.38 -2.31
N TYR A 203 3.00 2.25 -1.96
CA TYR A 203 1.85 1.72 -2.69
C TYR A 203 0.58 1.73 -1.86
N SER A 204 -0.57 1.65 -2.52
CA SER A 204 -1.83 1.60 -1.78
C SER A 204 -2.33 0.18 -1.91
N PHE A 205 -2.50 -0.48 -0.79
CA PHE A 205 -2.97 -1.85 -0.81
C PHE A 205 -4.49 -1.85 -0.85
N ILE A 206 -5.04 -2.65 -1.75
CA ILE A 206 -6.50 -2.75 -1.89
C ILE A 206 -6.95 -4.18 -1.96
N LYS A 207 -7.92 -4.53 -1.12
CA LYS A 207 -8.48 -5.88 -1.14
C LYS A 207 -9.96 -5.78 -1.43
N ALA A 208 -10.41 -6.59 -2.37
CA ALA A 208 -11.80 -6.64 -2.83
C ALA A 208 -12.54 -7.86 -2.29
N LYS A 209 -13.78 -7.71 -1.81
CA LYS A 209 -14.47 -8.91 -1.33
C LYS A 209 -15.53 -9.40 -2.30
N ILE A 210 -15.21 -10.47 -3.02
CA ILE A 210 -16.10 -11.06 -4.02
C ILE A 210 -17.21 -11.86 -3.34
N ASN A 211 -16.90 -12.42 -2.17
CA ASN A 211 -17.88 -13.20 -1.43
C ASN A 211 -18.88 -12.25 -0.83
N ALA A 212 -18.49 -10.98 -0.67
CA ALA A 212 -19.41 -9.99 -0.14
C ALA A 212 -20.13 -9.35 -1.34
N ASN A 213 -19.69 -9.70 -2.54
CA ASN A 213 -20.31 -9.19 -3.75
C ASN A 213 -20.72 -10.36 -4.63
N ILE A 214 -21.93 -10.89 -4.38
CA ILE A 214 -22.54 -12.05 -5.04
C ILE A 214 -22.90 -13.08 -3.96
N GLU A 215 -24.13 -13.08 -3.45
CA GLU A 215 -24.45 -14.07 -2.42
C GLU A 215 -24.69 -15.40 -3.08
N GLN A 216 -23.82 -16.34 -2.71
CA GLN A 216 -23.83 -17.68 -3.24
C GLN A 216 -24.57 -18.69 -2.36
N SER A 217 -25.34 -19.54 -3.01
CA SER A 217 -26.09 -20.59 -2.32
C SER A 217 -25.98 -21.88 -3.15
N TYR A 218 -26.63 -22.95 -2.70
CA TYR A 218 -26.59 -24.20 -3.45
C TYR A 218 -27.72 -25.13 -3.01
N VAL A 219 -28.19 -25.97 -3.94
CA VAL A 219 -29.26 -26.94 -3.67
C VAL A 219 -28.78 -28.38 -3.80
N GLU A 220 -28.92 -29.17 -2.74
CA GLU A 220 -28.52 -30.58 -2.77
C GLU A 220 -29.74 -31.37 -3.22
N VAL A 221 -29.57 -32.17 -4.27
CA VAL A 221 -30.67 -32.94 -4.84
C VAL A 221 -30.18 -34.28 -5.32
N ASN A 222 -31.09 -35.17 -5.68
CA ASN A 222 -30.75 -36.50 -6.22
C ASN A 222 -30.53 -36.33 -7.73
N GLU A 223 -29.52 -36.97 -8.30
CA GLU A 223 -29.30 -36.82 -9.73
C GLU A 223 -30.59 -36.75 -10.60
N ASN A 224 -31.64 -37.46 -10.20
CA ASN A 224 -32.90 -37.47 -10.97
C ASN A 224 -33.77 -36.21 -10.88
N GLU A 225 -33.73 -35.56 -9.72
CA GLU A 225 -34.53 -34.36 -9.49
C GLU A 225 -33.72 -33.09 -9.71
N ARG A 226 -32.63 -33.24 -10.46
CA ARG A 226 -31.73 -32.14 -10.80
C ARG A 226 -32.44 -31.16 -11.74
N PHE A 227 -33.00 -31.68 -12.82
CA PHE A 227 -33.69 -30.80 -13.72
C PHE A 227 -34.89 -30.19 -12.96
N GLU A 228 -35.46 -30.96 -12.05
CA GLU A 228 -36.60 -30.47 -11.29
C GLU A 228 -36.14 -29.33 -10.38
N ALA A 229 -34.86 -29.31 -10.01
CA ALA A 229 -34.33 -28.22 -9.16
C ALA A 229 -34.19 -26.93 -9.97
N LEU A 230 -33.65 -27.06 -11.19
CA LEU A 230 -33.44 -25.95 -12.11
C LEU A 230 -34.77 -25.28 -12.46
N CYS A 231 -35.85 -26.05 -12.38
CA CYS A 231 -37.17 -25.53 -12.69
C CYS A 231 -37.71 -24.73 -11.51
N ARG A 232 -37.55 -25.28 -10.32
CA ARG A 232 -38.04 -24.60 -9.15
C ARG A 232 -37.29 -23.29 -9.04
N LEU A 233 -36.02 -23.29 -9.46
CA LEU A 233 -35.16 -22.10 -9.41
C LEU A 233 -35.47 -21.09 -10.50
N LEU A 234 -35.95 -21.60 -11.61
CA LEU A 234 -36.30 -20.80 -12.76
C LEU A 234 -37.69 -20.22 -12.54
N LYS A 235 -38.46 -20.91 -11.69
CA LYS A 235 -39.82 -20.57 -11.30
C LYS A 235 -40.61 -19.57 -12.16
N ASN A 236 -40.51 -18.28 -11.83
CA ASN A 236 -41.23 -17.26 -12.57
C ASN A 236 -40.75 -17.17 -14.01
N LYS A 237 -41.67 -16.94 -14.93
CA LYS A 237 -41.31 -16.79 -16.33
C LYS A 237 -40.65 -15.42 -16.48
N GLU A 238 -40.37 -14.78 -15.35
CA GLU A 238 -39.73 -13.47 -15.31
C GLU A 238 -38.21 -13.61 -15.18
N PHE A 239 -37.76 -14.81 -14.83
CA PHE A 239 -36.34 -15.08 -14.69
C PHE A 239 -35.56 -14.71 -15.95
N TYR A 240 -34.41 -14.08 -15.74
CA TYR A 240 -33.54 -13.68 -16.83
C TYR A 240 -32.13 -13.95 -16.38
N GLY A 241 -31.56 -15.05 -16.85
CA GLY A 241 -30.21 -15.36 -16.42
C GLY A 241 -29.44 -16.35 -17.25
N LEU A 242 -28.34 -16.79 -16.66
CA LEU A 242 -27.42 -17.74 -17.27
C LEU A 242 -27.35 -19.07 -16.50
N VAL A 243 -27.52 -20.17 -17.23
CA VAL A 243 -27.45 -21.50 -16.63
C VAL A 243 -26.29 -22.26 -17.26
N PHE A 244 -25.34 -22.70 -16.43
CA PHE A 244 -24.17 -23.41 -16.91
C PHE A 244 -24.21 -24.91 -16.83
N CYS A 245 -23.80 -25.54 -17.91
CA CYS A 245 -23.79 -26.98 -18.02
C CYS A 245 -22.43 -27.62 -17.89
N LYS A 246 -22.30 -28.72 -18.58
CA LYS A 246 -21.09 -29.49 -18.56
C LYS A 246 -20.71 -29.82 -20.01
N THR A 247 -21.70 -30.22 -20.80
CA THR A 247 -21.47 -30.60 -22.18
C THR A 247 -22.35 -29.83 -23.19
N LYS A 248 -22.03 -29.95 -24.48
CA LYS A 248 -22.80 -29.27 -25.52
C LYS A 248 -24.15 -29.96 -25.63
N ARG A 249 -24.18 -31.25 -25.29
CA ARG A 249 -25.41 -32.03 -25.35
C ARG A 249 -26.39 -31.55 -24.28
N ASP A 250 -25.89 -31.32 -23.07
CA ASP A 250 -26.73 -30.85 -21.98
C ASP A 250 -27.38 -29.51 -22.29
N THR A 251 -26.66 -28.64 -23.02
CA THR A 251 -27.18 -27.32 -23.37
C THR A 251 -28.29 -27.40 -24.37
N LYS A 252 -28.17 -28.30 -25.33
CA LYS A 252 -29.19 -28.46 -26.35
C LYS A 252 -30.40 -29.12 -25.71
N GLU A 253 -30.15 -30.22 -25.02
CA GLU A 253 -31.22 -30.98 -24.36
C GLU A 253 -32.03 -30.13 -23.36
N LEU A 254 -31.31 -29.48 -22.44
CA LEU A 254 -31.89 -28.62 -21.41
C LEU A 254 -32.64 -27.42 -21.98
N ALA A 255 -32.14 -26.84 -23.07
CA ALA A 255 -32.77 -25.68 -23.68
C ALA A 255 -34.10 -26.05 -24.35
N SER A 256 -34.10 -27.12 -25.12
CA SER A 256 -35.29 -27.57 -25.84
C SER A 256 -36.39 -27.93 -24.88
N MSE A 257 -36.06 -28.75 -23.89
CA MSE A 257 -37.04 -29.13 -22.88
C MSE A 257 -37.61 -27.87 -22.28
O MSE A 257 -38.81 -27.66 -22.34
CB MSE A 257 -36.40 -29.96 -21.79
CG MSE A 257 -35.80 -31.24 -22.26
SE MSE A 257 -35.43 -32.29 -20.74
CE MSE A 257 -36.27 -33.91 -21.34
N LEU A 258 -36.75 -27.04 -21.70
CA LEU A 258 -37.21 -25.77 -21.12
C LEU A 258 -38.14 -24.95 -22.04
N ARG A 259 -37.88 -24.97 -23.33
CA ARG A 259 -38.71 -24.20 -24.24
C ARG A 259 -40.09 -24.82 -24.28
N ASP A 260 -40.11 -26.15 -24.29
CA ASP A 260 -41.34 -26.94 -24.34
C ASP A 260 -42.14 -26.91 -23.04
N ILE A 261 -41.58 -26.32 -22.01
CA ILE A 261 -42.31 -26.23 -20.77
C ILE A 261 -42.65 -24.74 -20.60
N GLY A 262 -42.48 -23.96 -21.66
CA GLY A 262 -42.84 -22.57 -21.55
C GLY A 262 -41.80 -21.47 -21.38
N PHE A 263 -40.52 -21.83 -21.24
CA PHE A 263 -39.51 -20.79 -21.06
C PHE A 263 -38.88 -20.30 -22.37
N LYS A 264 -38.26 -19.12 -22.33
CA LYS A 264 -37.61 -18.62 -23.52
C LYS A 264 -36.12 -18.93 -23.41
N ALA A 265 -35.81 -20.22 -23.47
CA ALA A 265 -34.44 -20.67 -23.38
C ALA A 265 -33.75 -20.80 -24.78
N GLY A 266 -32.44 -21.02 -24.73
CA GLY A 266 -31.65 -21.16 -25.93
C GLY A 266 -30.28 -21.61 -25.47
N ALA A 267 -29.58 -22.33 -26.34
CA ALA A 267 -28.26 -22.85 -25.99
C ALA A 267 -27.10 -22.16 -26.69
N ILE A 268 -25.91 -22.38 -26.15
CA ILE A 268 -24.68 -21.84 -26.66
C ILE A 268 -23.57 -22.81 -26.21
N HIS A 269 -22.62 -23.10 -27.09
CA HIS A 269 -21.56 -24.02 -26.72
C HIS A 269 -20.35 -23.89 -27.64
N GLY A 270 -19.41 -24.83 -27.49
CA GLY A 270 -18.20 -24.78 -28.29
C GLY A 270 -18.30 -24.90 -29.82
N ASP A 271 -18.57 -26.10 -30.31
CA ASP A 271 -18.66 -26.36 -31.73
C ASP A 271 -19.51 -25.36 -32.50
N LEU A 272 -20.18 -24.45 -31.82
CA LEU A 272 -21.02 -23.48 -32.51
C LEU A 272 -20.18 -22.37 -33.19
N SER A 273 -20.57 -22.03 -34.43
CA SER A 273 -19.89 -21.00 -35.23
C SER A 273 -19.82 -19.63 -34.53
N GLN A 274 -18.76 -18.87 -34.83
CA GLN A 274 -18.57 -17.54 -34.23
C GLN A 274 -19.84 -16.74 -34.43
N SER A 275 -20.29 -16.66 -35.66
CA SER A 275 -21.50 -15.92 -35.97
C SER A 275 -22.67 -16.32 -35.06
N GLN A 276 -23.00 -17.61 -35.04
CA GLN A 276 -24.09 -18.10 -34.19
C GLN A 276 -23.91 -17.73 -32.73
N ARG A 277 -22.74 -18.00 -32.16
CA ARG A 277 -22.48 -17.63 -30.76
C ARG A 277 -22.94 -16.19 -30.57
N GLU A 278 -22.71 -15.39 -31.59
CA GLU A 278 -23.07 -13.97 -31.58
C GLU A 278 -24.56 -13.66 -31.64
N LYS A 279 -25.31 -14.29 -32.56
CA LYS A 279 -26.76 -14.03 -32.66
C LYS A 279 -27.54 -14.53 -31.46
N VAL A 280 -27.02 -15.54 -30.76
CA VAL A 280 -27.66 -16.10 -29.59
C VAL A 280 -27.45 -15.10 -28.43
N ILE A 281 -26.22 -14.60 -28.29
CA ILE A 281 -25.91 -13.64 -27.25
C ILE A 281 -26.76 -12.40 -27.53
N ARG A 282 -27.02 -12.13 -28.80
CA ARG A 282 -27.83 -10.98 -29.20
C ARG A 282 -29.29 -11.22 -28.75
N LEU A 283 -29.88 -12.33 -29.18
CA LEU A 283 -31.23 -12.65 -28.76
C LEU A 283 -31.28 -12.64 -27.24
N PHE A 284 -30.17 -13.00 -26.60
CA PHE A 284 -30.09 -13.01 -25.14
C PHE A 284 -30.00 -11.61 -24.54
N LYS A 285 -28.99 -10.86 -24.97
CA LYS A 285 -28.83 -9.50 -24.48
C LYS A 285 -30.17 -8.76 -24.64
N GLN A 286 -30.79 -8.88 -25.81
CA GLN A 286 -32.07 -8.25 -26.13
C GLN A 286 -33.23 -8.80 -25.31
N LYS A 287 -33.01 -9.95 -24.67
CA LYS A 287 -34.04 -10.60 -23.85
C LYS A 287 -35.13 -11.36 -24.62
N LYS A 288 -34.82 -11.71 -25.88
CA LYS A 288 -35.71 -12.49 -26.75
C LYS A 288 -35.63 -13.90 -26.15
N ILE A 289 -34.44 -14.18 -25.62
CA ILE A 289 -34.08 -15.42 -24.94
C ILE A 289 -33.80 -15.00 -23.47
N ARG A 290 -34.70 -15.31 -22.54
CA ARG A 290 -34.43 -14.90 -21.18
C ARG A 290 -33.49 -15.87 -20.48
N ILE A 291 -33.35 -17.08 -21.02
CA ILE A 291 -32.48 -18.10 -20.40
C ILE A 291 -31.44 -18.80 -21.28
N LEU A 292 -30.18 -18.46 -21.09
CA LEU A 292 -29.12 -19.04 -21.89
C LEU A 292 -28.41 -20.19 -21.21
N ILE A 293 -28.55 -21.38 -21.78
CA ILE A 293 -27.86 -22.55 -21.22
C ILE A 293 -26.52 -22.60 -21.94
N ALA A 294 -25.43 -22.75 -21.19
CA ALA A 294 -24.13 -22.77 -21.82
C ALA A 294 -23.04 -23.54 -21.09
N THR A 295 -22.02 -23.86 -21.84
CA THR A 295 -20.87 -24.57 -21.33
C THR A 295 -19.77 -23.55 -21.03
N ASP A 296 -18.75 -23.96 -20.27
CA ASP A 296 -17.65 -23.07 -19.93
C ASP A 296 -17.16 -22.36 -21.19
N VAL A 297 -17.20 -23.08 -22.30
CA VAL A 297 -16.78 -22.56 -23.60
C VAL A 297 -17.02 -21.06 -23.71
N MSE A 298 -18.31 -20.69 -23.83
CA MSE A 298 -18.65 -19.28 -23.93
C MSE A 298 -18.27 -18.51 -22.65
O MSE A 298 -17.80 -17.37 -22.74
CB MSE A 298 -20.15 -19.17 -24.24
CG MSE A 298 -20.66 -17.77 -24.54
SE MSE A 298 -21.55 -16.94 -23.02
CE MSE A 298 -20.30 -15.53 -22.64
N SER A 299 -18.47 -19.15 -21.49
CA SER A 299 -18.19 -18.56 -20.18
C SER A 299 -16.83 -17.88 -20.00
N ARG A 300 -15.99 -17.92 -21.04
CA ARG A 300 -14.68 -17.32 -20.94
C ARG A 300 -14.38 -16.24 -21.96
N GLY A 301 -14.97 -16.33 -23.15
CA GLY A 301 -14.68 -15.35 -24.17
C GLY A 301 -15.76 -14.49 -24.80
N ILE A 302 -16.79 -14.10 -24.04
CA ILE A 302 -17.82 -13.25 -24.63
C ILE A 302 -18.48 -12.32 -23.62
N ASP A 303 -19.80 -12.48 -23.47
CA ASP A 303 -20.62 -11.66 -22.57
C ASP A 303 -20.72 -10.25 -23.10
N VAL A 304 -21.95 -9.74 -23.09
CA VAL A 304 -22.24 -8.40 -23.57
C VAL A 304 -23.32 -7.77 -22.69
N ASN A 305 -23.38 -8.20 -21.42
CA ASN A 305 -24.34 -7.68 -20.45
C ASN A 305 -24.28 -8.39 -19.08
N ASP A 306 -24.93 -7.77 -18.08
CA ASP A 306 -24.96 -8.30 -16.73
C ASP A 306 -26.26 -9.08 -16.47
N LEU A 307 -26.19 -10.04 -15.56
CA LEU A 307 -27.32 -10.91 -15.22
C LEU A 307 -27.75 -10.84 -13.76
N ASN A 308 -29.03 -11.03 -13.52
CA ASN A 308 -29.53 -11.00 -12.16
C ASN A 308 -28.84 -12.14 -11.42
N CYS A 309 -28.94 -13.36 -11.96
CA CYS A 309 -28.29 -14.48 -11.32
C CYS A 309 -27.71 -15.50 -12.29
N VAL A 310 -26.85 -16.36 -11.74
CA VAL A 310 -26.17 -17.40 -12.49
C VAL A 310 -26.40 -18.74 -11.83
N ILE A 311 -26.81 -19.74 -12.60
CA ILE A 311 -27.03 -21.05 -12.01
C ILE A 311 -26.15 -22.13 -12.61
N ASN A 312 -25.35 -22.74 -11.76
CA ASN A 312 -24.49 -23.83 -12.18
C ASN A 312 -25.32 -25.10 -12.15
N TYR A 313 -25.78 -25.53 -13.33
CA TYR A 313 -26.58 -26.74 -13.44
C TYR A 313 -25.63 -27.85 -13.01
N HIS A 314 -24.35 -27.65 -13.34
CA HIS A 314 -23.28 -28.57 -13.00
C HIS A 314 -22.18 -27.74 -12.32
N LEU A 315 -21.70 -28.17 -11.15
CA LEU A 315 -20.66 -27.43 -10.43
C LEU A 315 -19.33 -27.95 -10.86
N PRO A 316 -18.47 -27.07 -11.39
CA PRO A 316 -17.15 -27.52 -11.84
C PRO A 316 -16.25 -27.94 -10.70
N GLN A 317 -15.42 -28.93 -11.00
CA GLN A 317 -14.43 -29.47 -10.09
C GLN A 317 -13.43 -28.33 -9.82
N ASN A 318 -13.22 -27.48 -10.84
CA ASN A 318 -12.28 -26.34 -10.81
C ASN A 318 -12.77 -25.07 -10.15
N PRO A 319 -12.06 -24.57 -9.13
CA PRO A 319 -12.53 -23.33 -8.51
C PRO A 319 -12.49 -22.11 -9.43
N GLU A 320 -11.54 -22.06 -10.35
CA GLU A 320 -11.40 -20.93 -11.28
C GLU A 320 -12.57 -20.83 -12.26
N SER A 321 -13.08 -21.96 -12.73
CA SER A 321 -14.21 -21.89 -13.65
C SER A 321 -15.43 -21.38 -12.89
N TYR A 322 -15.50 -21.73 -11.61
CA TYR A 322 -16.59 -21.26 -10.75
C TYR A 322 -16.49 -19.74 -10.72
N MSE A 323 -15.29 -19.22 -10.47
CA MSE A 323 -15.11 -17.78 -10.41
C MSE A 323 -15.48 -17.08 -11.70
O MSE A 323 -15.97 -15.96 -11.69
CB MSE A 323 -13.68 -17.42 -10.04
CG MSE A 323 -13.29 -17.86 -8.64
SE MSE A 323 -14.65 -17.43 -7.31
CE MSE A 323 -15.14 -15.68 -7.97
N HIS A 324 -15.25 -17.75 -12.83
CA HIS A 324 -15.59 -17.19 -14.14
C HIS A 324 -17.08 -17.22 -14.42
N ARG A 325 -17.77 -18.18 -13.83
CA ARG A 325 -19.21 -18.32 -14.03
C ARG A 325 -20.00 -17.27 -13.24
N ILE A 326 -19.89 -17.30 -11.91
CA ILE A 326 -20.62 -16.34 -11.08
C ILE A 326 -20.11 -14.92 -11.29
N GLY A 327 -19.07 -14.79 -12.11
CA GLY A 327 -18.51 -13.49 -12.39
C GLY A 327 -19.22 -12.84 -13.57
N ARG A 328 -20.53 -12.76 -13.46
CA ARG A 328 -21.37 -12.17 -14.50
C ARG A 328 -22.47 -11.44 -13.77
N THR A 329 -22.50 -11.63 -12.46
CA THR A 329 -23.51 -11.03 -11.62
C THR A 329 -23.00 -9.84 -10.85
N GLY A 330 -21.77 -9.94 -10.35
CA GLY A 330 -21.18 -8.85 -9.59
C GLY A 330 -21.52 -7.50 -10.18
N ARG A 331 -22.36 -6.74 -9.47
CA ARG A 331 -22.79 -5.42 -9.91
C ARG A 331 -22.29 -4.34 -8.94
N ALA A 332 -22.21 -3.09 -9.41
CA ALA A 332 -21.76 -1.99 -8.58
C ALA A 332 -22.92 -1.35 -7.83
N GLY A 333 -22.93 -1.52 -6.50
CA GLY A 333 -23.98 -0.94 -5.69
C GLY A 333 -25.25 -1.77 -5.52
N LYS A 334 -25.35 -2.88 -6.26
CA LYS A 334 -26.51 -3.76 -6.17
C LYS A 334 -26.03 -5.21 -6.01
N LYS A 335 -26.91 -6.07 -5.51
CA LYS A 335 -26.56 -7.46 -5.22
C LYS A 335 -26.57 -8.51 -6.35
N GLY A 336 -25.62 -9.44 -6.25
CA GLY A 336 -25.49 -10.52 -7.22
C GLY A 336 -26.04 -11.84 -6.67
N LYS A 337 -26.26 -12.82 -7.54
CA LYS A 337 -26.84 -14.10 -7.12
C LYS A 337 -26.40 -15.32 -7.95
N ALA A 338 -25.85 -16.33 -7.27
CA ALA A 338 -25.41 -17.56 -7.92
C ALA A 338 -25.79 -18.80 -7.11
N ILE A 339 -26.70 -19.60 -7.66
CA ILE A 339 -27.16 -20.84 -7.05
C ILE A 339 -26.54 -22.01 -7.82
N SER A 340 -25.97 -22.96 -7.10
CA SER A 340 -25.32 -24.10 -7.74
C SER A 340 -26.09 -25.37 -7.38
N ILE A 341 -26.37 -26.21 -8.38
CA ILE A 341 -27.09 -27.47 -8.13
C ILE A 341 -26.10 -28.61 -7.97
N ILE A 342 -26.12 -29.28 -6.82
CA ILE A 342 -25.20 -30.40 -6.58
C ILE A 342 -25.90 -31.59 -5.94
N ASN A 343 -25.37 -32.80 -6.11
CA ASN A 343 -25.95 -33.98 -5.48
C ASN A 343 -25.14 -34.37 -4.25
N ARG A 344 -25.56 -35.43 -3.56
CA ARG A 344 -24.89 -35.87 -2.33
C ARG A 344 -23.39 -36.16 -2.46
N ARG A 345 -22.93 -36.53 -3.65
CA ARG A 345 -21.53 -36.88 -3.88
C ARG A 345 -20.61 -35.69 -4.27
N GLU A 346 -21.21 -34.55 -4.62
CA GLU A 346 -20.47 -33.35 -5.02
C GLU A 346 -20.22 -32.40 -3.86
N TYR A 347 -20.02 -32.95 -2.67
CA TYR A 347 -19.81 -32.13 -1.47
C TYR A 347 -18.34 -31.83 -1.19
N LYS A 348 -17.51 -32.86 -1.25
CA LYS A 348 -16.08 -32.69 -0.98
C LYS A 348 -15.57 -31.52 -1.83
N LYS A 349 -16.12 -31.46 -3.05
CA LYS A 349 -15.81 -30.45 -4.07
C LYS A 349 -16.25 -29.07 -3.65
N LEU A 350 -17.54 -28.90 -3.41
CA LEU A 350 -18.07 -27.61 -2.98
C LEU A 350 -17.15 -27.05 -1.91
N ARG A 351 -16.87 -27.88 -0.91
CA ARG A 351 -16.00 -27.48 0.18
C ARG A 351 -14.69 -26.90 -0.31
N TYR A 352 -14.08 -27.56 -1.29
CA TYR A 352 -12.82 -27.13 -1.88
C TYR A 352 -12.92 -25.77 -2.62
N ILE A 353 -14.05 -25.53 -3.28
CA ILE A 353 -14.23 -24.26 -3.96
C ILE A 353 -14.19 -23.19 -2.88
N GLU A 354 -14.95 -23.43 -1.81
CA GLU A 354 -15.03 -22.52 -0.65
C GLU A 354 -13.64 -22.31 -0.04
N ARG A 355 -13.00 -23.42 0.34
CA ARG A 355 -11.67 -23.37 0.93
C ARG A 355 -10.61 -22.71 0.04
N ALA A 356 -10.64 -23.02 -1.26
CA ALA A 356 -9.67 -22.47 -2.21
C ALA A 356 -9.89 -21.01 -2.59
N MSE A 357 -11.14 -20.59 -2.73
CA MSE A 357 -11.46 -19.22 -3.09
C MSE A 357 -11.86 -18.41 -1.87
O MSE A 357 -12.34 -17.30 -2.00
CB MSE A 357 -12.62 -19.15 -4.11
CG MSE A 357 -12.36 -19.84 -5.44
SE MSE A 357 -10.53 -19.63 -6.11
CE MSE A 357 -10.67 -17.95 -7.09
N LYS A 358 -11.68 -19.01 -0.69
CA LYS A 358 -12.02 -18.35 0.57
C LYS A 358 -13.42 -17.77 0.40
N LEU A 359 -14.33 -18.66 0.05
CA LEU A 359 -15.72 -18.32 -0.19
C LEU A 359 -16.61 -19.00 0.82
N LYS A 360 -17.84 -18.52 0.87
CA LYS A 360 -18.85 -19.05 1.78
C LYS A 360 -20.15 -19.09 0.98
N ILE A 361 -20.58 -20.32 0.67
CA ILE A 361 -21.80 -20.57 -0.10
C ILE A 361 -22.78 -21.27 0.82
N LYS A 362 -23.86 -20.58 1.22
CA LYS A 362 -24.81 -21.22 2.11
C LYS A 362 -25.76 -22.21 1.45
N LYS A 363 -26.96 -22.36 1.98
CA LYS A 363 -27.86 -23.37 1.45
C LYS A 363 -29.31 -23.00 1.10
N LEU A 364 -29.94 -23.82 0.27
CA LEU A 364 -31.32 -23.62 -0.15
C LEU A 364 -32.00 -24.98 -0.19
N LYS A 365 -33.32 -25.01 -0.11
CA LYS A 365 -34.07 -26.25 -0.19
C LYS A 365 -35.53 -26.00 -0.52
N VAL B 3 -1.93 14.60 -3.21
CA VAL B 3 -1.63 16.05 -2.95
C VAL B 3 -0.49 16.19 -1.93
N GLU B 4 0.22 17.31 -2.00
CA GLU B 4 1.35 17.56 -1.10
C GLU B 4 1.33 18.98 -0.51
N TYR B 5 1.69 19.09 0.76
CA TYR B 5 1.73 20.36 1.48
C TYR B 5 3.14 20.56 2.02
N MSE B 6 3.39 21.73 2.60
CA MSE B 6 4.69 22.08 3.16
C MSE B 6 4.59 22.99 4.39
O MSE B 6 5.55 23.67 4.73
CB MSE B 6 5.56 22.78 2.12
CG MSE B 6 5.95 21.88 0.95
SE MSE B 6 6.60 22.88 -0.58
CE MSE B 6 4.95 22.97 -1.64
N ASN B 7 3.43 22.98 5.04
CA ASN B 7 3.18 23.78 6.24
C ASN B 7 2.02 23.21 7.06
N PHE B 8 2.19 23.15 8.37
CA PHE B 8 1.14 22.62 9.23
C PHE B 8 -0.20 23.33 9.04
N ASN B 9 -0.17 24.64 8.87
CA ASN B 9 -1.40 25.40 8.68
C ASN B 9 -2.20 24.87 7.48
N GLU B 10 -1.50 24.42 6.44
CA GLU B 10 -2.14 23.89 5.24
C GLU B 10 -2.93 22.61 5.51
N LEU B 11 -2.92 22.16 6.76
CA LEU B 11 -3.63 20.93 7.15
C LEU B 11 -4.95 21.19 7.84
N ASN B 12 -5.80 20.17 7.83
CA ASN B 12 -7.12 20.23 8.46
C ASN B 12 -6.95 20.20 9.99
N LEU B 13 -5.91 20.84 10.49
CA LEU B 13 -5.60 20.88 11.92
C LEU B 13 -6.34 22.02 12.61
N SER B 14 -6.75 21.78 13.85
CA SER B 14 -7.47 22.80 14.62
C SER B 14 -6.56 24.01 14.88
N ASP B 15 -7.10 24.98 15.59
CA ASP B 15 -6.37 26.20 15.92
C ASP B 15 -5.64 25.94 17.24
N ASN B 16 -6.38 25.35 18.18
CA ASN B 16 -5.84 25.02 19.49
C ASN B 16 -4.51 24.28 19.37
N ILE B 17 -4.44 23.33 18.43
CA ILE B 17 -3.24 22.54 18.24
C ILE B 17 -2.21 23.24 17.35
N LEU B 18 -2.68 23.84 16.26
CA LEU B 18 -1.77 24.52 15.32
C LEU B 18 -0.98 25.62 16.03
N ASN B 19 -1.30 25.83 17.30
CA ASN B 19 -0.64 26.83 18.11
C ASN B 19 0.50 26.16 18.88
N ALA B 20 0.15 25.11 19.62
CA ALA B 20 1.13 24.37 20.41
C ALA B 20 2.22 23.71 19.57
N ILE B 21 1.93 23.45 18.29
CA ILE B 21 2.93 22.83 17.43
C ILE B 21 3.93 23.90 17.02
N ARG B 22 3.42 25.10 16.70
CA ARG B 22 4.29 26.21 16.33
C ARG B 22 5.05 26.57 17.61
N ASN B 23 4.36 26.35 18.72
CA ASN B 23 4.87 26.59 20.06
C ASN B 23 6.05 25.67 20.42
N LYS B 24 5.78 24.37 20.57
CA LYS B 24 6.80 23.38 20.94
C LYS B 24 8.07 23.42 20.09
N GLY B 25 7.97 24.05 18.92
CA GLY B 25 9.13 24.14 18.05
C GLY B 25 8.83 23.64 16.64
N PHE B 26 7.81 22.79 16.50
CA PHE B 26 7.44 22.25 15.20
C PHE B 26 7.02 23.36 14.22
N GLU B 27 8.00 23.96 13.55
CA GLU B 27 7.75 25.04 12.59
C GLU B 27 7.41 24.45 11.22
N LYS B 28 8.36 23.71 10.66
CA LYS B 28 8.17 23.09 9.35
C LYS B 28 8.03 21.60 9.59
N PRO B 29 7.27 20.90 8.73
CA PRO B 29 7.08 19.46 8.86
C PRO B 29 8.26 18.64 8.37
N THR B 30 8.17 17.32 8.55
CA THR B 30 9.20 16.39 8.10
C THR B 30 8.55 15.57 6.99
N ASP B 31 9.34 14.90 6.15
CA ASP B 31 8.74 14.11 5.10
C ASP B 31 7.55 13.29 5.62
N ILE B 32 7.76 12.50 6.68
CA ILE B 32 6.72 11.66 7.29
C ILE B 32 5.48 12.41 7.75
N GLN B 33 5.68 13.48 8.51
CA GLN B 33 4.57 14.28 9.00
C GLN B 33 3.70 14.77 7.84
N MSE B 34 4.33 15.09 6.71
CA MSE B 34 3.58 15.57 5.55
C MSE B 34 2.97 14.46 4.72
O MSE B 34 2.14 14.71 3.85
CB MSE B 34 4.46 16.46 4.66
CG MSE B 34 4.70 17.86 5.26
SE MSE B 34 3.10 18.61 6.12
CE MSE B 34 2.76 20.07 4.95
N LYS B 35 3.37 13.23 4.96
CA LYS B 35 2.80 12.12 4.21
C LYS B 35 1.78 11.37 5.07
N VAL B 36 1.89 11.51 6.38
CA VAL B 36 0.97 10.81 7.27
C VAL B 36 -0.15 11.66 7.82
N ILE B 37 0.19 12.74 8.50
CA ILE B 37 -0.86 13.57 9.10
C ILE B 37 -2.05 13.78 8.17
N PRO B 38 -1.80 14.01 6.87
CA PRO B 38 -2.91 14.21 5.92
C PRO B 38 -3.78 12.95 5.84
N LEU B 39 -3.14 11.82 5.55
CA LEU B 39 -3.83 10.53 5.44
C LEU B 39 -4.50 10.08 6.75
N PHE B 40 -3.88 10.39 7.88
CA PHE B 40 -4.42 10.00 9.17
C PHE B 40 -5.66 10.83 9.40
N LEU B 41 -5.54 12.12 9.11
CA LEU B 41 -6.63 13.10 9.26
C LEU B 41 -7.71 12.77 8.24
N ASN B 42 -7.29 12.53 7.00
CA ASN B 42 -8.18 12.16 5.90
C ASN B 42 -9.02 10.97 6.36
N ASP B 43 -8.44 10.19 7.28
CA ASP B 43 -9.06 9.01 7.86
C ASP B 43 -9.76 8.10 6.82
N GLU B 44 -9.06 7.87 5.70
CA GLU B 44 -9.57 7.05 4.60
C GLU B 44 -9.22 5.57 4.84
N TYR B 45 -7.93 5.23 4.77
CA TYR B 45 -7.44 3.84 4.97
C TYR B 45 -6.54 3.66 6.23
N ASN B 46 -6.00 2.45 6.39
CA ASN B 46 -5.06 2.15 7.48
C ASN B 46 -3.70 2.55 6.92
N ILE B 47 -2.73 2.80 7.79
CA ILE B 47 -1.42 3.22 7.33
C ILE B 47 -0.26 2.39 7.86
N VAL B 48 0.61 1.92 6.97
CA VAL B 48 1.79 1.15 7.39
C VAL B 48 2.94 2.06 7.00
N ALA B 49 3.52 2.76 7.97
CA ALA B 49 4.61 3.72 7.70
C ALA B 49 6.01 3.30 8.09
N GLN B 50 6.92 3.32 7.13
CA GLN B 50 8.29 2.93 7.45
C GLN B 50 9.11 4.20 7.70
N ALA B 51 9.52 4.41 8.95
CA ALA B 51 10.29 5.61 9.33
C ALA B 51 11.30 5.43 10.46
N ARG B 52 12.57 5.72 10.18
CA ARG B 52 13.63 5.59 11.17
C ARG B 52 13.31 6.46 12.37
N THR B 53 13.63 5.98 13.57
CA THR B 53 13.36 6.77 14.76
C THR B 53 14.20 8.04 14.64
N GLY B 54 13.53 9.18 14.59
CA GLY B 54 14.25 10.45 14.47
C GLY B 54 13.87 11.20 13.21
N SER B 55 12.58 11.19 12.88
CA SER B 55 12.12 11.85 11.67
C SER B 55 10.77 12.49 11.89
N GLY B 56 10.33 12.53 13.14
CA GLY B 56 9.07 13.16 13.44
C GLY B 56 7.90 12.21 13.62
N LYS B 57 8.18 10.90 13.62
CA LYS B 57 7.15 9.88 13.77
C LYS B 57 6.10 10.23 14.82
N THR B 58 6.55 10.35 16.06
CA THR B 58 5.67 10.64 17.16
C THR B 58 4.76 11.83 16.91
N ALA B 59 5.17 12.77 16.09
CA ALA B 59 4.28 13.88 15.84
C ALA B 59 3.24 13.40 14.82
N SER B 60 3.70 12.68 13.79
CA SER B 60 2.84 12.14 12.74
C SER B 60 1.52 11.63 13.26
N PHE B 61 1.57 10.75 14.26
CA PHE B 61 0.34 10.20 14.81
C PHE B 61 -0.23 10.96 16.00
N ALA B 62 0.62 11.58 16.81
CA ALA B 62 0.17 12.33 18.00
C ALA B 62 -0.63 13.58 17.63
N ILE B 63 -0.23 14.24 16.53
CA ILE B 63 -0.94 15.44 16.12
C ILE B 63 -2.38 15.09 15.70
N PRO B 64 -2.54 14.32 14.59
CA PRO B 64 -3.87 13.95 14.13
C PRO B 64 -4.65 13.25 15.23
N LEU B 65 -3.94 12.57 16.13
CA LEU B 65 -4.60 11.87 17.23
C LEU B 65 -5.30 12.88 18.15
N ILE B 66 -4.57 13.89 18.61
CA ILE B 66 -5.13 14.92 19.50
C ILE B 66 -6.28 15.59 18.79
N GLU B 67 -6.19 15.63 17.47
CA GLU B 67 -7.19 16.26 16.63
C GLU B 67 -8.52 15.51 16.56
N LEU B 68 -8.44 14.19 16.37
CA LEU B 68 -9.61 13.33 16.21
C LEU B 68 -10.19 12.64 17.46
N VAL B 69 -9.43 12.53 18.53
CA VAL B 69 -9.92 11.87 19.72
C VAL B 69 -10.80 12.77 20.59
N ASN B 70 -12.02 12.35 20.87
CA ASN B 70 -12.90 13.16 21.71
C ASN B 70 -12.47 13.13 23.14
N GLU B 71 -12.45 14.31 23.76
CA GLU B 71 -12.03 14.44 25.15
C GLU B 71 -13.17 14.10 26.08
N ASN B 72 -14.34 13.86 25.50
CA ASN B 72 -15.57 13.53 26.25
C ASN B 72 -15.91 12.03 26.35
N ASN B 73 -15.49 11.23 25.38
CA ASN B 73 -15.79 9.81 25.44
C ASN B 73 -14.93 9.12 26.50
N GLY B 74 -14.58 7.86 26.25
CA GLY B 74 -13.76 7.11 27.16
C GLY B 74 -12.39 6.90 26.54
N ILE B 75 -12.01 5.65 26.31
CA ILE B 75 -10.72 5.36 25.71
C ILE B 75 -10.91 5.22 24.21
N GLU B 76 -10.46 6.23 23.47
CA GLU B 76 -10.61 6.22 22.01
C GLU B 76 -9.38 5.71 21.28
N ALA B 77 -8.27 5.56 22.00
CA ALA B 77 -7.06 5.10 21.34
C ALA B 77 -6.07 4.41 22.27
N ILE B 78 -5.33 3.47 21.67
CA ILE B 78 -4.29 2.69 22.36
C ILE B 78 -3.03 2.88 21.53
N ILE B 79 -1.90 3.08 22.20
CA ILE B 79 -0.64 3.26 21.50
C ILE B 79 0.34 2.33 22.15
N LEU B 80 0.70 1.28 21.42
CA LEU B 80 1.62 0.28 21.90
C LEU B 80 3.03 0.67 21.58
N THR B 81 3.93 0.35 22.49
CA THR B 81 5.36 0.63 22.30
C THR B 81 6.17 -0.50 22.90
N PRO B 82 7.41 -0.66 22.44
CA PRO B 82 8.30 -1.71 22.93
C PRO B 82 8.69 -1.54 24.40
N THR B 83 9.02 -0.29 24.72
CA THR B 83 9.48 0.08 26.05
C THR B 83 8.61 1.05 26.82
N ARG B 84 8.98 1.27 28.08
CA ARG B 84 8.27 2.21 28.93
C ARG B 84 8.91 3.56 28.60
N GLU B 85 10.23 3.59 28.47
CA GLU B 85 10.92 4.82 28.14
C GLU B 85 10.21 5.49 26.97
N LEU B 86 9.92 4.70 25.93
CA LEU B 86 9.24 5.21 24.75
C LEU B 86 7.77 5.53 25.00
N ALA B 87 7.14 4.81 25.92
CA ALA B 87 5.73 5.03 26.27
C ALA B 87 5.59 6.42 26.85
N ILE B 88 6.50 6.74 27.76
CA ILE B 88 6.50 8.02 28.43
C ILE B 88 6.83 9.12 27.43
N GLN B 89 7.85 8.91 26.61
CA GLN B 89 8.18 9.88 25.59
C GLN B 89 6.94 10.22 24.80
N VAL B 90 6.28 9.18 24.29
CA VAL B 90 5.06 9.32 23.50
C VAL B 90 3.99 10.08 24.28
N ALA B 91 3.75 9.67 25.51
CA ALA B 91 2.75 10.32 26.34
C ALA B 91 3.00 11.82 26.47
N ASP B 92 4.24 12.15 26.85
CA ASP B 92 4.66 13.54 27.03
C ASP B 92 4.54 14.37 25.78
N GLU B 93 5.04 13.87 24.66
CA GLU B 93 4.94 14.64 23.45
C GLU B 93 3.48 14.93 23.09
N ILE B 94 2.55 14.11 23.57
CA ILE B 94 1.14 14.33 23.30
C ILE B 94 0.69 15.41 24.27
N GLU B 95 1.20 15.37 25.50
CA GLU B 95 0.84 16.36 26.50
C GLU B 95 1.17 17.74 25.94
N SER B 96 2.42 17.91 25.54
CA SER B 96 2.92 19.16 24.99
C SER B 96 2.28 19.60 23.68
N LEU B 97 1.19 18.98 23.26
CA LEU B 97 0.56 19.39 22.03
C LEU B 97 -0.95 19.55 22.13
N LYS B 98 -1.54 19.01 23.18
CA LYS B 98 -2.98 19.09 23.31
C LYS B 98 -3.51 20.49 23.52
N GLY B 99 -2.76 21.31 24.25
CA GLY B 99 -3.18 22.68 24.52
C GLY B 99 -4.47 22.79 25.31
N ASN B 100 -5.41 23.57 24.80
CA ASN B 100 -6.67 23.79 25.48
C ASN B 100 -7.69 22.68 25.23
N LYS B 101 -7.17 21.47 25.01
CA LYS B 101 -7.99 20.29 24.78
C LYS B 101 -7.66 19.34 25.93
N ASN B 102 -8.66 19.04 26.75
CA ASN B 102 -8.47 18.19 27.92
C ASN B 102 -8.57 16.68 27.66
N LEU B 103 -7.48 16.13 27.16
CA LEU B 103 -7.38 14.72 26.90
C LEU B 103 -6.57 14.11 28.01
N LYS B 104 -7.09 13.04 28.60
CA LYS B 104 -6.37 12.36 29.67
C LYS B 104 -5.63 11.19 29.03
N ILE B 105 -4.33 11.09 29.31
CA ILE B 105 -3.51 10.00 28.77
C ILE B 105 -2.95 9.04 29.84
N ALA B 106 -3.49 7.83 29.92
CA ALA B 106 -3.03 6.83 30.88
C ALA B 106 -1.85 6.05 30.33
N LYS B 107 -0.74 5.99 31.09
CA LYS B 107 0.43 5.24 30.66
C LYS B 107 0.42 3.90 31.38
N ILE B 108 0.34 2.80 30.63
CA ILE B 108 0.31 1.46 31.22
C ILE B 108 1.57 0.65 30.99
N TYR B 109 2.13 0.05 32.04
CA TYR B 109 3.31 -0.81 31.91
C TYR B 109 3.71 -1.45 33.23
N GLY B 110 4.56 -2.48 33.14
CA GLY B 110 5.01 -3.21 34.31
C GLY B 110 5.75 -2.43 35.38
N GLY B 111 5.86 -3.03 36.57
CA GLY B 111 6.53 -2.36 37.67
C GLY B 111 5.55 -1.64 38.59
N LYS B 112 4.52 -1.04 37.98
CA LYS B 112 3.51 -0.32 38.74
C LYS B 112 2.43 -1.24 39.32
N ALA B 113 1.77 -0.77 40.37
CA ALA B 113 0.72 -1.54 40.98
C ALA B 113 -0.50 -1.33 40.11
N ILE B 114 -1.24 -2.41 39.92
CA ILE B 114 -2.42 -2.42 39.07
C ILE B 114 -3.54 -1.47 39.49
N TYR B 115 -3.82 -1.41 40.79
CA TYR B 115 -4.90 -0.57 41.28
C TYR B 115 -4.83 0.86 40.77
N PRO B 116 -3.71 1.56 40.99
CA PRO B 116 -3.60 2.94 40.52
C PRO B 116 -3.90 3.07 39.01
N GLN B 117 -3.44 2.08 38.24
CA GLN B 117 -3.63 2.05 36.80
C GLN B 117 -5.11 2.05 36.41
N ILE B 118 -5.91 1.30 37.17
CA ILE B 118 -7.35 1.19 36.94
C ILE B 118 -8.03 2.55 37.11
N LYS B 119 -7.63 3.27 38.15
CA LYS B 119 -8.14 4.61 38.44
C LYS B 119 -7.67 5.56 37.33
N ALA B 120 -6.46 5.31 36.84
CA ALA B 120 -5.84 6.09 35.79
C ALA B 120 -6.60 5.94 34.48
N LEU B 121 -7.09 4.74 34.19
CA LEU B 121 -7.83 4.49 32.96
C LEU B 121 -9.26 4.99 33.06
N LYS B 122 -9.75 5.07 34.28
CA LYS B 122 -11.11 5.50 34.57
C LYS B 122 -11.61 6.52 33.55
N ASN B 123 -10.98 7.69 33.55
CA ASN B 123 -11.36 8.76 32.64
C ASN B 123 -10.34 8.99 31.54
N ALA B 124 -9.43 8.01 31.39
CA ALA B 124 -8.39 8.08 30.38
C ALA B 124 -9.10 8.26 29.06
N ASN B 125 -8.38 8.89 28.13
CA ASN B 125 -8.88 9.11 26.79
C ASN B 125 -7.99 8.37 25.77
N ILE B 126 -6.71 8.33 26.10
CA ILE B 126 -5.70 7.67 25.28
C ILE B 126 -4.79 6.85 26.18
N VAL B 127 -4.62 5.58 25.86
CA VAL B 127 -3.73 4.73 26.64
C VAL B 127 -2.42 4.56 25.85
N VAL B 128 -1.31 4.57 26.57
CA VAL B 128 -0.01 4.41 25.92
C VAL B 128 0.85 3.58 26.81
N GLY B 129 1.01 2.31 26.47
CA GLY B 129 1.84 1.44 27.27
C GLY B 129 2.47 0.35 26.46
N THR B 130 3.10 -0.61 27.14
CA THR B 130 3.77 -1.77 26.50
C THR B 130 2.72 -2.83 26.21
N PRO B 131 2.94 -3.72 25.22
CA PRO B 131 1.98 -4.76 24.85
C PRO B 131 1.68 -5.86 25.90
N GLY B 132 2.70 -6.24 26.67
CA GLY B 132 2.51 -7.26 27.68
C GLY B 132 1.48 -6.91 28.74
N ARG B 133 1.54 -5.68 29.26
CA ARG B 133 0.60 -5.23 30.29
C ARG B 133 -0.77 -4.84 29.76
N ILE B 134 -0.86 -4.06 28.67
CA ILE B 134 -2.15 -3.65 28.08
C ILE B 134 -2.96 -4.92 27.82
N LEU B 135 -2.26 -6.00 27.47
CA LEU B 135 -2.96 -7.24 27.18
C LEU B 135 -3.52 -7.85 28.47
N ASP B 136 -2.72 -7.89 29.54
CA ASP B 136 -3.20 -8.44 30.84
C ASP B 136 -4.43 -7.66 31.29
N HIS B 137 -4.40 -6.35 31.17
CA HIS B 137 -5.56 -5.57 31.53
C HIS B 137 -6.75 -6.07 30.68
N ILE B 138 -6.56 -6.11 29.36
CA ILE B 138 -7.59 -6.57 28.42
C ILE B 138 -8.08 -7.98 28.78
N ASN B 139 -7.17 -8.91 29.01
CA ASN B 139 -7.55 -10.27 29.35
C ASN B 139 -8.23 -10.35 30.72
N ARG B 140 -8.05 -9.33 31.57
CA ARG B 140 -8.67 -9.39 32.91
C ARG B 140 -9.85 -8.45 33.13
N GLY B 141 -10.39 -7.88 32.06
CA GLY B 141 -11.55 -7.02 32.20
C GLY B 141 -11.24 -5.64 32.70
N THR B 142 -10.00 -5.44 33.17
CA THR B 142 -9.50 -4.19 33.68
C THR B 142 -9.64 -3.04 32.66
N LEU B 143 -9.17 -3.26 31.42
CA LEU B 143 -9.20 -2.29 30.33
C LEU B 143 -10.29 -2.65 29.31
N ASN B 144 -11.08 -1.68 28.85
CA ASN B 144 -12.13 -1.99 27.88
C ASN B 144 -11.91 -1.39 26.49
N LEU B 145 -11.86 -2.28 25.50
CA LEU B 145 -11.60 -1.95 24.09
C LEU B 145 -12.84 -1.53 23.31
N LYS B 146 -13.95 -1.48 24.02
CA LYS B 146 -15.25 -1.13 23.45
C LYS B 146 -15.30 0.17 22.65
N ASN B 147 -14.68 1.21 23.17
CA ASN B 147 -14.71 2.48 22.48
C ASN B 147 -13.46 2.83 21.67
N VAL B 148 -12.45 1.96 21.72
CA VAL B 148 -11.21 2.17 21.01
C VAL B 148 -11.42 2.32 19.50
N LYS B 149 -11.22 3.52 18.98
CA LYS B 149 -11.40 3.77 17.54
C LYS B 149 -10.07 3.83 16.82
N TYR B 150 -8.98 4.08 17.52
CA TYR B 150 -7.67 4.17 16.86
C TYR B 150 -6.60 3.31 17.50
N PHE B 151 -5.91 2.54 16.66
CA PHE B 151 -4.87 1.68 17.13
C PHE B 151 -3.55 2.17 16.57
N ILE B 152 -2.50 2.16 17.38
CA ILE B 152 -1.21 2.59 16.90
C ILE B 152 -0.09 1.74 17.44
N LEU B 153 0.60 1.02 16.55
CA LEU B 153 1.71 0.17 16.97
C LEU B 153 2.98 0.94 16.65
N ASP B 154 3.57 1.56 17.66
CA ASP B 154 4.77 2.34 17.46
C ASP B 154 6.04 1.52 17.68
N GLU B 155 6.78 1.33 16.59
CA GLU B 155 8.05 0.58 16.58
C GLU B 155 7.78 -0.92 16.68
N ALA B 156 6.94 -1.40 15.76
CA ALA B 156 6.51 -2.80 15.67
C ALA B 156 7.65 -3.76 15.42
N ASP B 157 8.69 -3.27 14.75
CA ASP B 157 9.84 -4.10 14.48
C ASP B 157 10.59 -4.28 15.79
N GLU B 158 10.56 -3.28 16.67
CA GLU B 158 11.21 -3.40 17.98
C GLU B 158 10.39 -4.36 18.84
N MSE B 159 9.07 -4.21 18.77
CA MSE B 159 8.16 -5.07 19.48
C MSE B 159 8.44 -6.52 19.09
O MSE B 159 8.58 -7.38 19.95
CB MSE B 159 6.75 -4.73 19.08
CG MSE B 159 5.86 -4.38 20.23
SE MSE B 159 4.94 -2.79 19.79
CE MSE B 159 3.51 -3.53 18.74
N LEU B 160 8.50 -6.77 17.77
CA LEU B 160 8.74 -8.10 17.19
C LEU B 160 9.96 -8.79 17.76
N ASN B 161 11.07 -8.06 17.82
CA ASN B 161 12.33 -8.58 18.35
C ASN B 161 12.39 -8.60 19.88
N MSE B 162 11.22 -8.55 20.53
CA MSE B 162 11.15 -8.60 21.99
C MSE B 162 10.06 -9.61 22.35
O MSE B 162 9.62 -9.71 23.50
CB MSE B 162 10.85 -7.22 22.56
CG MSE B 162 11.97 -6.22 22.34
SE MSE B 162 11.71 -4.56 23.27
CE MSE B 162 12.91 -3.42 22.26
N GLY B 163 9.63 -10.36 21.34
CA GLY B 163 8.64 -11.41 21.52
C GLY B 163 7.21 -10.93 21.56
N PHE B 164 7.03 -9.62 21.73
CA PHE B 164 5.70 -9.06 21.81
C PHE B 164 4.75 -9.42 20.69
N ILE B 165 5.25 -9.92 19.57
CA ILE B 165 4.36 -10.22 18.45
C ILE B 165 3.06 -10.91 18.83
N LYS B 166 3.16 -12.03 19.54
CA LYS B 166 1.96 -12.76 19.94
C LYS B 166 0.98 -11.87 20.70
N ASP B 167 1.51 -11.11 21.66
CA ASP B 167 0.70 -10.21 22.48
C ASP B 167 -0.01 -9.12 21.69
N VAL B 168 0.71 -8.52 20.76
CA VAL B 168 0.17 -7.47 19.90
C VAL B 168 -0.99 -8.07 19.12
N GLU B 169 -0.80 -9.26 18.58
CA GLU B 169 -1.85 -9.92 17.80
C GLU B 169 -3.11 -10.10 18.64
N LYS B 170 -2.93 -10.57 19.88
CA LYS B 170 -4.02 -10.79 20.83
C LYS B 170 -4.72 -9.48 21.08
N ILE B 171 -3.94 -8.43 21.33
CA ILE B 171 -4.52 -7.11 21.57
C ILE B 171 -5.29 -6.60 20.35
N LEU B 172 -4.86 -6.98 19.15
CA LEU B 172 -5.56 -6.57 17.93
C LEU B 172 -6.88 -7.35 17.79
N ASN B 173 -6.83 -8.64 18.04
CA ASN B 173 -8.04 -9.47 17.96
C ASN B 173 -9.09 -8.90 18.88
N ALA B 174 -8.84 -8.99 20.18
CA ALA B 174 -9.76 -8.50 21.19
C ALA B 174 -10.12 -7.02 21.02
N CYS B 175 -10.39 -6.60 19.79
CA CYS B 175 -10.71 -5.21 19.49
C CYS B 175 -11.79 -5.19 18.46
N ASN B 176 -12.51 -4.07 18.37
CA ASN B 176 -13.55 -3.96 17.37
C ASN B 176 -12.84 -4.11 16.03
N LYS B 177 -13.60 -4.42 14.99
CA LYS B 177 -13.03 -4.53 13.66
C LYS B 177 -13.43 -3.24 12.94
N ASP B 178 -13.75 -2.22 13.73
CA ASP B 178 -14.13 -0.92 13.22
C ASP B 178 -13.11 0.10 13.72
N LYS B 179 -11.89 -0.38 13.94
CA LYS B 179 -10.79 0.40 14.43
C LYS B 179 -9.90 0.88 13.28
N ARG B 180 -9.05 1.86 13.57
CA ARG B 180 -8.17 2.40 12.57
C ARG B 180 -6.76 2.07 13.03
N ILE B 181 -6.02 1.29 12.25
CA ILE B 181 -4.69 0.94 12.65
C ILE B 181 -3.63 1.67 11.88
N LEU B 182 -2.57 2.06 12.60
CA LEU B 182 -1.41 2.75 12.04
C LEU B 182 -0.21 2.03 12.66
N LEU B 183 0.64 1.45 11.82
CA LEU B 183 1.80 0.72 12.29
C LEU B 183 3.09 1.44 11.83
N PHE B 184 3.95 1.77 12.79
CA PHE B 184 5.22 2.45 12.51
C PHE B 184 6.37 1.51 12.72
N SER B 185 7.25 1.45 11.73
CA SER B 185 8.38 0.56 11.88
C SER B 185 9.55 1.03 11.02
N ALA B 186 10.73 1.05 11.64
CA ALA B 186 11.93 1.46 10.95
C ALA B 186 12.30 0.42 9.90
N THR B 187 11.95 -0.84 10.14
CA THR B 187 12.26 -1.90 9.18
C THR B 187 11.04 -2.79 8.91
N MSE B 188 10.97 -3.36 7.71
CA MSE B 188 9.83 -4.19 7.34
C MSE B 188 10.17 -5.67 7.19
O MSE B 188 10.32 -6.17 6.09
CB MSE B 188 9.23 -3.67 6.02
CG MSE B 188 8.52 -2.34 6.15
SE MSE B 188 7.03 -2.43 7.35
CE MSE B 188 7.04 -0.61 8.05
N PRO B 189 10.30 -6.39 8.31
CA PRO B 189 10.61 -7.81 8.22
C PRO B 189 9.39 -8.53 7.69
N ARG B 190 9.55 -9.82 7.41
CA ARG B 190 8.47 -10.65 6.88
C ARG B 190 7.22 -10.54 7.74
N GLU B 191 7.41 -10.72 9.05
CA GLU B 191 6.34 -10.69 10.05
C GLU B 191 5.57 -9.38 10.15
N ILE B 192 6.23 -8.26 9.97
CA ILE B 192 5.50 -7.00 10.00
C ILE B 192 4.61 -6.94 8.78
N LEU B 193 5.18 -7.27 7.62
CA LEU B 193 4.45 -7.29 6.36
C LEU B 193 3.27 -8.24 6.48
N ASN B 194 3.52 -9.40 7.08
CA ASN B 194 2.45 -10.36 7.28
C ASN B 194 1.43 -9.80 8.25
N LEU B 195 1.91 -9.05 9.25
CA LEU B 195 1.02 -8.43 10.21
C LEU B 195 0.02 -7.54 9.48
N ALA B 196 0.56 -6.62 8.67
CA ALA B 196 -0.28 -5.72 7.89
C ALA B 196 -1.37 -6.50 7.15
N LYS B 197 -0.97 -7.60 6.49
CA LYS B 197 -1.88 -8.47 5.74
C LYS B 197 -3.00 -9.08 6.60
N LYS B 198 -2.59 -9.77 7.67
CA LYS B 198 -3.53 -10.38 8.59
C LYS B 198 -4.53 -9.41 9.24
N TYR B 199 -4.04 -8.37 9.91
CA TYR B 199 -4.95 -7.44 10.60
C TYR B 199 -5.34 -6.10 9.98
N MSE B 200 -4.47 -5.49 9.19
CA MSE B 200 -4.83 -4.22 8.57
C MSE B 200 -5.18 -4.50 7.13
O MSE B 200 -4.33 -4.89 6.36
CB MSE B 200 -3.66 -3.26 8.63
CG MSE B 200 -3.13 -3.09 10.03
SE MSE B 200 -1.44 -2.28 9.96
CE MSE B 200 -0.41 -3.67 10.75
N GLY B 201 -6.44 -4.32 6.77
CA GLY B 201 -6.78 -4.60 5.39
C GLY B 201 -6.91 -3.29 4.67
N ASP B 202 -6.53 -3.24 3.40
CA ASP B 202 -6.64 -2.00 2.66
C ASP B 202 -5.87 -0.87 3.35
N TYR B 203 -4.55 -0.97 3.35
CA TYR B 203 -3.74 0.05 3.97
C TYR B 203 -2.91 0.81 2.94
N SER B 204 -2.43 1.99 3.31
CA SER B 204 -1.59 2.76 2.40
C SER B 204 -0.20 2.66 2.94
N PHE B 205 0.71 2.13 2.15
CA PHE B 205 2.10 1.99 2.59
C PHE B 205 2.85 3.28 2.30
N ILE B 206 3.57 3.76 3.31
CA ILE B 206 4.33 4.98 3.15
C ILE B 206 5.73 4.79 3.69
N LYS B 207 6.71 5.19 2.88
CA LYS B 207 8.09 5.12 3.29
C LYS B 207 8.69 6.51 3.18
N ALA B 208 9.31 6.94 4.27
CA ALA B 208 9.95 8.24 4.34
C ALA B 208 11.41 7.94 4.05
N LYS B 209 11.77 7.96 2.77
CA LYS B 209 13.14 7.68 2.41
C LYS B 209 13.92 8.93 2.63
N ILE B 210 14.86 8.87 3.55
CA ILE B 210 15.67 10.05 3.85
C ILE B 210 16.75 10.23 2.81
N ASN B 211 17.18 9.11 2.25
CA ASN B 211 18.22 9.06 1.22
C ASN B 211 18.07 10.19 0.20
N ALA B 212 16.83 10.50 -0.13
CA ALA B 212 16.54 11.56 -1.09
C ALA B 212 16.04 12.82 -0.42
N ASN B 213 15.86 12.78 0.90
CA ASN B 213 15.40 13.98 1.61
C ASN B 213 16.57 14.77 2.18
N ILE B 214 17.48 14.07 2.84
CA ILE B 214 18.68 14.71 3.39
C ILE B 214 19.84 14.11 2.60
N GLU B 215 20.62 14.95 1.93
CA GLU B 215 21.72 14.40 1.17
C GLU B 215 23.02 14.44 1.94
N GLN B 216 23.52 13.25 2.21
CA GLN B 216 24.73 13.06 2.98
C GLN B 216 25.97 12.84 2.12
N SER B 217 27.05 13.46 2.54
CA SER B 217 28.32 13.34 1.85
C SER B 217 29.41 13.26 2.91
N TYR B 218 30.66 13.11 2.49
CA TYR B 218 31.76 13.04 3.44
C TYR B 218 33.08 13.40 2.77
N VAL B 219 34.02 13.92 3.56
CA VAL B 219 35.34 14.31 3.05
C VAL B 219 36.44 13.48 3.69
N GLU B 220 37.26 12.79 2.88
CA GLU B 220 38.37 12.00 3.44
C GLU B 220 39.60 12.90 3.49
N VAL B 221 40.22 13.00 4.66
CA VAL B 221 41.38 13.88 4.82
C VAL B 221 42.39 13.25 5.77
N ASN B 222 43.57 13.88 5.89
CA ASN B 222 44.62 13.41 6.80
C ASN B 222 44.32 14.06 8.15
N GLU B 223 44.47 13.31 9.24
CA GLU B 223 44.18 13.88 10.55
C GLU B 223 44.65 15.33 10.73
N ASN B 224 45.74 15.72 10.05
CA ASN B 224 46.27 17.08 10.18
C ASN B 224 45.52 18.17 9.43
N GLU B 225 44.92 17.82 8.30
CA GLU B 225 44.18 18.78 7.48
C GLU B 225 42.67 18.69 7.74
N ARG B 226 42.31 18.12 8.89
CA ARG B 226 40.92 17.95 9.30
C ARG B 226 40.30 19.33 9.57
N PHE B 227 40.95 20.13 10.41
CA PHE B 227 40.43 21.45 10.71
C PHE B 227 40.43 22.28 9.43
N GLU B 228 41.36 21.98 8.53
CA GLU B 228 41.44 22.67 7.27
C GLU B 228 40.25 22.26 6.40
N ALA B 229 39.70 21.08 6.64
CA ALA B 229 38.54 20.61 5.89
C ALA B 229 37.29 21.35 6.38
N LEU B 230 37.14 21.46 7.70
CA LEU B 230 36.00 22.13 8.34
C LEU B 230 35.94 23.58 7.90
N CYS B 231 37.09 24.14 7.55
CA CYS B 231 37.13 25.54 7.11
C CYS B 231 36.65 25.66 5.68
N ARG B 232 37.13 24.78 4.82
CA ARG B 232 36.73 24.80 3.43
C ARG B 232 35.23 24.63 3.34
N LEU B 233 34.68 23.83 4.26
CA LEU B 233 33.24 23.55 4.34
C LEU B 233 32.45 24.71 4.93
N LEU B 234 33.09 25.44 5.83
CA LEU B 234 32.45 26.57 6.49
C LEU B 234 32.53 27.77 5.53
N LYS B 235 33.50 27.70 4.62
CA LYS B 235 33.78 28.73 3.62
C LYS B 235 33.19 30.12 3.81
N ASN B 236 32.00 30.35 3.27
CA ASN B 236 31.36 31.66 3.38
C ASN B 236 31.05 31.99 4.82
N LYS B 237 31.17 33.27 5.18
CA LYS B 237 30.86 33.71 6.54
C LYS B 237 29.34 33.71 6.66
N GLU B 238 28.68 33.21 5.62
CA GLU B 238 27.22 33.15 5.57
C GLU B 238 26.72 31.83 6.18
N PHE B 239 27.64 30.88 6.34
CA PHE B 239 27.29 29.58 6.90
C PHE B 239 26.61 29.70 8.27
N TYR B 240 25.53 28.94 8.42
CA TYR B 240 24.78 28.90 9.66
C TYR B 240 24.45 27.45 9.94
N GLY B 241 25.17 26.84 10.86
CA GLY B 241 24.89 25.44 11.13
C GLY B 241 25.45 24.88 12.41
N LEU B 242 25.44 23.56 12.46
CA LEU B 242 25.89 22.80 13.61
C LEU B 242 27.07 21.88 13.30
N VAL B 243 28.13 21.99 14.09
CA VAL B 243 29.31 21.17 13.89
C VAL B 243 29.50 20.31 15.14
N PHE B 244 29.52 18.99 14.93
CA PHE B 244 29.67 18.04 16.00
C PHE B 244 31.08 17.50 16.27
N CYS B 245 31.43 17.50 17.55
CA CYS B 245 32.73 17.03 17.96
C CYS B 245 32.75 15.65 18.55
N LYS B 246 33.67 15.48 19.48
CA LYS B 246 33.85 14.24 20.17
C LYS B 246 33.94 14.56 21.66
N THR B 247 34.73 15.58 22.01
CA THR B 247 34.92 15.95 23.41
C THR B 247 34.55 17.41 23.74
N LYS B 248 34.56 17.74 25.03
CA LYS B 248 34.25 19.11 25.44
C LYS B 248 35.43 19.98 25.09
N ARG B 249 36.61 19.38 25.07
CA ARG B 249 37.81 20.13 24.75
C ARG B 249 37.80 20.56 23.29
N ASP B 250 37.43 19.63 22.41
CA ASP B 250 37.37 19.93 20.99
C ASP B 250 36.42 21.07 20.66
N THR B 251 35.31 21.15 21.40
CA THR B 251 34.32 22.19 21.18
C THR B 251 34.85 23.56 21.59
N LYS B 252 35.56 23.62 22.70
CA LYS B 252 36.12 24.88 23.17
C LYS B 252 37.26 25.31 22.24
N GLU B 253 38.17 24.37 21.97
CA GLU B 253 39.32 24.63 21.11
C GLU B 253 38.90 25.05 19.70
N LEU B 254 38.02 24.26 19.11
CA LEU B 254 37.50 24.50 17.75
C LEU B 254 36.71 25.80 17.62
N ALA B 255 35.97 26.15 18.67
CA ALA B 255 35.17 27.37 18.66
C ALA B 255 36.12 28.57 18.71
N SER B 256 37.17 28.47 19.53
CA SER B 256 38.19 29.52 19.65
C SER B 256 39.03 29.60 18.39
N MSE B 257 39.33 28.47 17.78
CA MSE B 257 40.10 28.54 16.55
C MSE B 257 39.30 29.32 15.52
O MSE B 257 39.87 30.10 14.76
CB MSE B 257 40.43 27.15 16.02
CG MSE B 257 41.72 26.62 16.59
SE MSE B 257 41.75 24.71 16.76
CE MSE B 257 42.35 24.28 14.97
N LEU B 258 37.97 29.14 15.51
CA LEU B 258 37.10 29.83 14.56
C LEU B 258 36.92 31.32 14.88
N ARG B 259 36.88 31.66 16.17
CA ARG B 259 36.76 33.05 16.59
C ARG B 259 38.12 33.76 16.35
N ASP B 260 39.07 32.97 15.85
CA ASP B 260 40.40 33.45 15.55
C ASP B 260 40.48 33.80 14.08
N ILE B 261 39.45 33.43 13.34
CA ILE B 261 39.41 33.71 11.91
C ILE B 261 38.16 34.51 11.60
N GLY B 262 37.59 35.13 12.64
CA GLY B 262 36.42 35.96 12.46
C GLY B 262 35.05 35.44 12.88
N PHE B 263 34.81 34.16 12.62
CA PHE B 263 33.54 33.50 12.93
C PHE B 263 33.05 33.67 14.37
N LYS B 264 31.75 33.88 14.54
CA LYS B 264 31.22 33.97 15.90
C LYS B 264 30.77 32.53 16.11
N ALA B 265 31.35 31.88 17.11
CA ALA B 265 31.02 30.48 17.34
C ALA B 265 31.00 30.12 18.82
N GLY B 266 30.13 29.17 19.17
CA GLY B 266 29.99 28.74 20.55
C GLY B 266 30.08 27.25 20.83
N ALA B 267 30.69 26.93 21.96
CA ALA B 267 30.89 25.55 22.38
C ALA B 267 29.90 25.12 23.46
N ILE B 268 29.18 24.04 23.19
CA ILE B 268 28.21 23.49 24.14
C ILE B 268 28.54 22.02 24.45
N HIS B 269 28.52 21.70 25.73
CA HIS B 269 28.83 20.34 26.16
C HIS B 269 28.02 19.86 27.36
N GLY B 270 28.53 18.80 27.99
CA GLY B 270 27.86 18.24 29.15
C GLY B 270 28.28 18.91 30.44
N ASP B 271 29.54 19.32 30.52
CA ASP B 271 30.07 19.99 31.71
C ASP B 271 29.23 21.25 31.90
N LEU B 272 28.54 21.62 30.83
CA LEU B 272 27.71 22.81 30.81
C LEU B 272 26.36 22.61 31.50
N SER B 273 26.05 23.48 32.46
CA SER B 273 24.78 23.42 33.18
C SER B 273 23.73 24.03 32.25
N GLN B 274 22.48 23.57 32.36
CA GLN B 274 21.42 24.10 31.50
C GLN B 274 21.35 25.63 31.63
N SER B 275 21.89 26.17 32.71
CA SER B 275 21.90 27.61 32.94
C SER B 275 22.92 28.24 31.97
N GLN B 276 23.74 27.38 31.37
CA GLN B 276 24.76 27.80 30.42
C GLN B 276 24.35 27.30 29.06
N ARG B 277 23.85 26.07 29.01
CA ARG B 277 23.39 25.44 27.75
C ARG B 277 22.28 26.26 27.12
N GLU B 278 21.71 27.16 27.92
CA GLU B 278 20.67 28.06 27.47
C GLU B 278 21.40 29.26 26.85
N LYS B 279 22.07 30.05 27.69
CA LYS B 279 22.82 31.21 27.24
C LYS B 279 23.31 30.88 25.84
N VAL B 280 24.05 29.78 25.74
CA VAL B 280 24.60 29.33 24.48
C VAL B 280 23.57 29.22 23.36
N ILE B 281 22.83 28.12 23.32
CA ILE B 281 21.84 27.95 22.27
C ILE B 281 21.07 29.24 22.05
N ARG B 282 20.67 29.88 23.15
CA ARG B 282 19.94 31.14 23.08
C ARG B 282 20.58 31.96 21.96
N LEU B 283 21.84 32.31 22.17
CA LEU B 283 22.64 33.07 21.24
C LEU B 283 22.74 32.43 19.85
N PHE B 284 22.78 31.10 19.76
CA PHE B 284 22.89 30.45 18.43
C PHE B 284 21.66 30.58 17.55
N LYS B 285 20.47 30.57 18.15
CA LYS B 285 19.27 30.73 17.35
C LYS B 285 19.14 32.24 17.13
N GLN B 286 19.34 33.00 18.20
CA GLN B 286 19.28 34.46 18.13
C GLN B 286 20.29 34.95 17.10
N LYS B 287 21.23 34.07 16.76
CA LYS B 287 22.30 34.34 15.79
C LYS B 287 23.40 35.24 16.36
N LYS B 288 23.40 35.40 17.69
CA LYS B 288 24.42 36.18 18.38
C LYS B 288 25.70 35.35 18.31
N ILE B 289 25.63 34.31 17.48
CA ILE B 289 26.69 33.34 17.19
C ILE B 289 26.17 32.53 15.98
N ARG B 290 26.86 32.54 14.85
CA ARG B 290 26.31 31.83 13.71
C ARG B 290 26.71 30.38 13.54
N ILE B 291 27.58 29.89 14.44
CA ILE B 291 28.02 28.48 14.39
C ILE B 291 28.08 27.83 15.78
N LEU B 292 27.42 26.69 15.92
CA LEU B 292 27.46 25.98 17.19
C LEU B 292 28.21 24.65 17.12
N ILE B 293 29.32 24.59 17.85
CA ILE B 293 30.11 23.38 17.90
C ILE B 293 29.57 22.65 19.11
N ALA B 294 29.24 21.37 18.94
CA ALA B 294 28.69 20.61 20.04
C ALA B 294 28.97 19.11 20.03
N THR B 295 28.80 18.51 21.21
CA THR B 295 28.99 17.09 21.39
C THR B 295 27.59 16.45 21.38
N ASP B 296 27.54 15.13 21.23
CA ASP B 296 26.28 14.42 21.20
C ASP B 296 25.40 14.87 22.36
N VAL B 297 26.04 15.21 23.47
CA VAL B 297 25.35 15.68 24.68
C VAL B 297 24.10 16.46 24.35
N MSE B 298 24.28 17.67 23.83
CA MSE B 298 23.14 18.49 23.47
C MSE B 298 22.32 17.85 22.32
O MSE B 298 21.09 17.90 22.32
CB MSE B 298 23.67 19.88 23.07
CG MSE B 298 22.62 20.96 22.81
SE MSE B 298 22.34 21.30 20.93
CE MSE B 298 20.54 20.58 20.78
N SER B 299 23.02 17.24 21.35
CA SER B 299 22.41 16.60 20.17
C SER B 299 21.22 15.66 20.44
N ARG B 300 20.87 15.50 21.71
CA ARG B 300 19.77 14.61 22.05
C ARG B 300 18.63 15.24 22.84
N GLY B 301 18.93 16.26 23.63
CA GLY B 301 17.89 16.86 24.44
C GLY B 301 17.58 18.35 24.36
N ILE B 302 17.69 18.95 23.18
CA ILE B 302 17.36 20.37 23.07
C ILE B 302 16.82 20.76 21.68
N ASP B 303 17.52 21.67 21.02
CA ASP B 303 17.15 22.20 19.71
C ASP B 303 15.90 23.06 19.83
N VAL B 304 15.96 24.22 19.18
CA VAL B 304 14.85 25.16 19.18
C VAL B 304 14.76 25.84 17.81
N ASN B 305 15.20 25.12 16.78
CA ASN B 305 15.15 25.62 15.40
C ASN B 305 15.80 24.66 14.38
N ASP B 306 15.56 24.93 13.10
CA ASP B 306 16.08 24.11 12.00
C ASP B 306 17.35 24.73 11.41
N LEU B 307 18.21 23.88 10.85
CA LEU B 307 19.47 24.32 10.26
C LEU B 307 19.62 23.98 8.78
N ASN B 308 20.34 24.85 8.05
CA ASN B 308 20.57 24.60 6.64
C ASN B 308 21.31 23.26 6.53
N CYS B 309 22.44 23.15 7.23
CA CYS B 309 23.22 21.92 7.19
C CYS B 309 23.88 21.53 8.53
N VAL B 310 24.28 20.27 8.58
CA VAL B 310 24.93 19.69 9.75
C VAL B 310 26.26 19.05 9.37
N ILE B 311 27.33 19.41 10.08
CA ILE B 311 28.62 18.86 9.78
C ILE B 311 29.21 18.06 10.93
N ASN B 312 29.47 16.80 10.65
CA ASN B 312 30.07 15.92 11.62
C ASN B 312 31.57 16.11 11.58
N TYR B 313 32.10 16.87 12.52
CA TYR B 313 33.54 17.11 12.55
C TYR B 313 34.17 15.75 12.80
N HIS B 314 33.50 14.97 13.65
CA HIS B 314 33.90 13.61 14.04
C HIS B 314 32.73 12.66 13.85
N LEU B 315 32.99 11.47 13.37
CA LEU B 315 31.92 10.49 13.19
C LEU B 315 31.64 9.92 14.59
N PRO B 316 30.36 9.92 15.00
CA PRO B 316 30.04 9.39 16.33
C PRO B 316 30.41 7.92 16.45
N GLN B 317 30.38 7.42 17.69
CA GLN B 317 30.66 6.03 17.95
C GLN B 317 29.34 5.32 17.61
N ASN B 318 28.39 5.45 18.52
CA ASN B 318 27.06 4.86 18.35
C ASN B 318 26.41 5.36 17.06
N PRO B 319 26.21 4.45 16.08
CA PRO B 319 25.59 4.80 14.78
C PRO B 319 24.19 5.45 14.80
N GLU B 320 23.45 5.30 15.89
CA GLU B 320 22.11 5.90 15.98
C GLU B 320 22.23 7.40 16.25
N SER B 321 23.34 7.80 16.85
CA SER B 321 23.58 9.21 17.12
C SER B 321 23.73 9.94 15.79
N TYR B 322 24.24 9.23 14.77
CA TYR B 322 24.37 9.80 13.44
C TYR B 322 22.95 10.14 12.99
N MSE B 323 22.01 9.20 13.12
CA MSE B 323 20.63 9.45 12.70
C MSE B 323 19.98 10.60 13.44
O MSE B 323 19.13 11.28 12.89
CB MSE B 323 19.78 8.20 12.89
CG MSE B 323 20.18 7.04 12.02
SE MSE B 323 20.48 7.56 10.17
CE MSE B 323 19.03 8.85 10.00
N HIS B 324 20.38 10.80 14.70
CA HIS B 324 19.85 11.88 15.52
C HIS B 324 20.43 13.24 15.16
N ARG B 325 21.66 13.24 14.65
CA ARG B 325 22.34 14.47 14.22
C ARG B 325 21.79 14.99 12.89
N ILE B 326 21.95 14.23 11.81
CA ILE B 326 21.45 14.66 10.51
C ILE B 326 19.93 14.77 10.49
N GLY B 327 19.30 14.38 11.60
CA GLY B 327 17.87 14.47 11.71
C GLY B 327 17.49 15.84 12.23
N ARG B 328 18.15 16.86 11.68
CA ARG B 328 17.90 18.25 12.03
C ARG B 328 17.99 19.14 10.78
N THR B 329 18.34 18.53 9.65
CA THR B 329 18.44 19.22 8.36
C THR B 329 17.23 18.85 7.50
N GLY B 330 16.61 17.71 7.80
CA GLY B 330 15.45 17.29 7.05
C GLY B 330 14.37 18.35 7.18
N ARG B 331 14.01 18.99 6.08
CA ARG B 331 12.98 20.01 6.09
C ARG B 331 11.83 19.62 5.18
N ALA B 332 10.63 20.12 5.49
CA ALA B 332 9.43 19.80 4.70
C ALA B 332 9.55 20.20 3.24
N GLY B 333 9.74 19.20 2.38
CA GLY B 333 9.86 19.43 0.95
C GLY B 333 10.90 20.45 0.52
N LYS B 334 11.84 20.77 1.41
CA LYS B 334 12.92 21.72 1.13
C LYS B 334 14.24 21.11 1.62
N LYS B 335 15.05 20.67 0.65
CA LYS B 335 16.36 20.04 0.86
C LYS B 335 17.15 20.35 2.13
N GLY B 336 18.16 19.51 2.38
CA GLY B 336 19.02 19.66 3.55
C GLY B 336 20.28 18.86 3.29
N LYS B 337 21.30 19.01 4.12
CA LYS B 337 22.53 18.26 3.87
C LYS B 337 23.42 17.99 5.09
N ALA B 338 24.01 16.79 5.09
CA ALA B 338 24.89 16.35 6.17
C ALA B 338 26.25 15.93 5.62
N ILE B 339 27.29 16.69 5.97
CA ILE B 339 28.66 16.39 5.55
C ILE B 339 29.44 15.89 6.76
N SER B 340 30.13 14.76 6.59
CA SER B 340 30.89 14.17 7.68
C SER B 340 32.39 14.23 7.39
N ILE B 341 33.17 14.73 8.35
CA ILE B 341 34.62 14.80 8.17
C ILE B 341 35.29 13.52 8.70
N ILE B 342 36.03 12.82 7.86
CA ILE B 342 36.69 11.59 8.31
C ILE B 342 38.12 11.51 7.78
N ASN B 343 39.00 10.79 8.49
CA ASN B 343 40.36 10.64 7.98
C ASN B 343 40.51 9.27 7.36
N ARG B 344 41.70 8.99 6.85
CA ARG B 344 41.93 7.69 6.26
C ARG B 344 41.36 6.56 7.10
N ARG B 345 41.91 6.38 8.30
CA ARG B 345 41.50 5.32 9.23
C ARG B 345 40.08 5.41 9.76
N GLU B 346 39.50 6.60 9.77
CA GLU B 346 38.14 6.83 10.25
C GLU B 346 37.10 6.34 9.23
N TYR B 347 37.61 5.84 8.11
CA TYR B 347 36.75 5.34 7.06
C TYR B 347 36.10 4.04 7.54
N LYS B 348 36.70 3.38 8.53
CA LYS B 348 36.14 2.13 9.06
C LYS B 348 34.82 2.40 9.76
N LYS B 349 34.85 3.35 10.68
CA LYS B 349 33.66 3.72 11.43
C LYS B 349 32.55 4.12 10.47
N LEU B 350 32.92 4.82 9.39
CA LEU B 350 31.95 5.28 8.38
C LEU B 350 31.16 4.12 7.74
N ARG B 351 31.88 3.11 7.26
CA ARG B 351 31.26 1.93 6.65
C ARG B 351 30.44 1.13 7.67
N TYR B 352 30.82 1.23 8.93
CA TYR B 352 30.06 0.52 9.95
C TYR B 352 28.72 1.23 10.08
N ILE B 353 28.78 2.55 10.17
CA ILE B 353 27.57 3.36 10.28
C ILE B 353 26.62 3.12 9.10
N GLU B 354 27.15 2.98 7.88
CA GLU B 354 26.31 2.76 6.69
C GLU B 354 25.64 1.39 6.51
N ARG B 355 26.17 0.39 7.21
CA ARG B 355 25.61 -0.96 7.13
C ARG B 355 24.56 -1.04 8.19
N ALA B 356 24.86 -0.48 9.35
CA ALA B 356 23.89 -0.53 10.39
C ALA B 356 22.64 0.31 10.04
N MSE B 357 22.79 1.28 9.12
CA MSE B 357 21.68 2.17 8.74
C MSE B 357 21.08 2.03 7.34
O MSE B 357 20.16 2.77 7.00
CB MSE B 357 22.07 3.63 8.91
CG MSE B 357 22.54 4.00 10.29
SE MSE B 357 21.39 3.25 11.62
CE MSE B 357 19.71 3.96 10.99
N LYS B 358 21.62 1.12 6.54
CA LYS B 358 21.18 0.94 5.15
C LYS B 358 21.16 2.34 4.53
N LEU B 359 22.31 3.00 4.68
CA LEU B 359 22.53 4.35 4.20
C LEU B 359 23.53 4.36 3.06
N LYS B 360 23.58 5.50 2.37
CA LYS B 360 24.49 5.67 1.26
C LYS B 360 25.00 7.11 1.36
N ILE B 361 26.28 7.23 1.74
CA ILE B 361 26.92 8.53 1.90
C ILE B 361 27.99 8.65 0.83
N LYS B 362 27.79 9.54 -0.15
CA LYS B 362 28.77 9.65 -1.20
C LYS B 362 30.00 10.46 -0.82
N LYS B 363 30.64 11.10 -1.79
CA LYS B 363 31.88 11.80 -1.49
C LYS B 363 32.03 13.25 -1.94
N LEU B 364 32.99 13.94 -1.30
CA LEU B 364 33.33 15.32 -1.62
C LEU B 364 34.85 15.36 -1.63
N LYS B 365 35.40 16.19 -2.51
CA LYS B 365 36.85 16.28 -2.62
C LYS B 365 37.33 17.72 -2.80
S SO4 C . -11.31 -11.16 -14.77
O1 SO4 C . -12.37 -12.09 -15.26
O2 SO4 C . -11.06 -10.10 -15.78
O3 SO4 C . -11.82 -10.49 -13.56
O4 SO4 C . -10.07 -11.93 -14.50
S SO4 D . -15.66 -31.12 -14.05
O1 SO4 D . -15.13 -32.24 -14.85
O2 SO4 D . -16.69 -30.40 -14.81
O3 SO4 D . -16.23 -31.69 -12.81
O4 SO4 D . -14.57 -30.16 -13.74
S SO4 E . -4.22 -14.93 1.29
O1 SO4 E . -4.48 -16.39 1.38
O2 SO4 E . -5.25 -14.31 0.42
O3 SO4 E . -4.28 -14.28 2.61
O4 SO4 E . -2.85 -14.74 0.74
S SO4 F . -28.23 -39.95 -5.48
O1 SO4 F . -28.94 -41.05 -6.19
O2 SO4 F . -28.70 -38.66 -6.03
O3 SO4 F . -28.50 -40.00 -4.02
O4 SO4 F . -26.76 -40.07 -5.73
S SO4 G . 14.45 -3.20 5.58
O1 SO4 G . 14.36 -4.68 5.50
O2 SO4 G . 14.56 -2.65 4.21
O3 SO4 G . 13.21 -2.66 6.18
O4 SO4 G . 15.62 -2.81 6.38
S SO4 H . 10.96 10.79 16.12
O1 SO4 H . 10.60 10.29 14.78
O2 SO4 H . 11.64 12.09 15.97
O3 SO4 H . 9.74 10.97 16.94
O4 SO4 H . 11.92 9.83 16.71
#